data_1XDS
#
_entry.id   1XDS
#
_cell.length_a   79.890
_cell.length_b   79.890
_cell.length_c   232.598
_cell.angle_alpha   90.00
_cell.angle_beta   90.00
_cell.angle_gamma   120.00
#
_symmetry.space_group_name_H-M   'P 32 2 1'
#
loop_
_entity.id
_entity.type
_entity.pdbx_description
1 polymer 'Protein RdmB'
2 non-polymer S-ADENOSYLMETHIONINE
3 non-polymer 11-DEOXY-BETA-RHODOMYCIN
4 water water
#
_entity_poly.entity_id   1
_entity_poly.type   'polypeptide(L)'
_entity_poly.pdbx_seq_one_letter_code
;(MSE)SSSSPGEPLEPTDQDLDVLLKNLGNLVTP(MSE)ALRVAATLRLVDHLLAGADTLAGLADRTDTHPQALSRLVRH
LTVVGVLEGGEKQGRPLRPTRLG(MSE)LLADGHPAQQRAWLDLNGAVSHADLAFTGLLDVVRTGRPAYAGRYGRPFWED
LSADVALADSFDAL(MSE)SCDEDLAYEAPADAYDWSAVRHVLDVGGGNGG(MSE)LAAIALRAPHLRGTLVELAGPAER
ARRRFADAGLADRVTVAEGDFFKPLPVTADVVLLSFVLLNWSDEDALTILRGCVRALEPGGRLLVLDRADVEGDGADRFF
STLLDLR(MSE)LTF(MSE)GGRVRTRDEVVDLAGSAGLALASERTSGSTTLPFDFSILEFTAVSEEAAPAAQASEALPA
QE
;
_entity_poly.pdbx_strand_id   A,B
#
# COMPACT_ATOMS: atom_id res chain seq x y z
N LEU A 10 16.95 21.05 9.70
CA LEU A 10 15.73 21.65 10.32
C LEU A 10 14.96 20.63 11.16
N GLU A 11 13.96 21.15 11.88
CA GLU A 11 13.13 20.39 12.80
C GLU A 11 11.73 20.11 12.18
N PRO A 12 11.41 18.84 11.95
CA PRO A 12 10.07 18.43 11.51
C PRO A 12 8.90 18.91 12.40
N THR A 13 7.95 19.66 11.85
CA THR A 13 6.73 20.06 12.58
C THR A 13 5.76 18.91 12.73
N ASP A 14 4.65 19.17 13.42
CA ASP A 14 3.59 18.19 13.63
C ASP A 14 2.99 17.80 12.29
N GLN A 15 2.76 18.80 11.46
CA GLN A 15 2.11 18.67 10.14
C GLN A 15 2.84 17.66 9.24
N ASP A 16 4.17 17.60 9.37
CA ASP A 16 5.02 16.75 8.54
C ASP A 16 4.97 15.29 8.98
N LEU A 17 4.73 15.08 10.27
CA LEU A 17 4.50 13.75 10.81
C LEU A 17 3.14 13.22 10.37
N ASP A 18 2.14 14.09 10.43
CA ASP A 18 0.78 13.80 9.98
C ASP A 18 0.79 13.29 8.54
N VAL A 19 1.58 13.95 7.68
CA VAL A 19 1.63 13.62 6.27
C VAL A 19 2.30 12.26 6.03
N LEU A 20 3.41 12.00 6.71
CA LEU A 20 4.11 10.73 6.56
C LEU A 20 3.24 9.55 6.98
N LEU A 21 2.46 9.72 8.03
CA LEU A 21 1.72 8.62 8.63
C LEU A 21 0.47 8.30 7.86
N LYS A 22 -0.20 9.34 7.36
CA LYS A 22 -1.48 9.24 6.66
C LYS A 22 -1.37 9.09 5.15
N ASN A 23 -0.24 9.47 4.59
CA ASN A 23 -0.07 9.58 3.14
C ASN A 23 1.15 8.78 2.72
N LEU A 24 2.33 9.39 2.84
CA LEU A 24 3.56 8.87 2.22
C LEU A 24 4.03 7.51 2.73
N GLY A 25 3.73 7.21 3.99
CA GLY A 25 4.18 5.97 4.65
C GLY A 25 3.06 4.97 4.81
N ASN A 26 1.85 5.37 4.41
CA ASN A 26 0.61 4.63 4.60
C ASN A 26 0.41 3.59 3.50
N LEU A 27 0.70 2.33 3.85
CA LEU A 27 0.45 1.18 2.99
C LEU A 27 -0.93 0.56 3.16
N VAL A 28 -1.63 0.89 4.25
CA VAL A 28 -2.94 0.31 4.56
C VAL A 28 -4.06 0.87 3.68
N THR A 29 -4.14 2.18 3.63
CA THR A 29 -5.17 2.87 2.87
C THR A 29 -5.20 2.49 1.39
N PRO A 30 -4.07 2.49 0.70
CA PRO A 30 -4.07 2.03 -0.70
C PRO A 30 -4.54 0.58 -0.90
N ALA A 32 -6.72 -0.70 1.11
CA ALA A 32 -8.16 -0.54 1.38
C ALA A 32 -8.91 -0.03 0.16
N LEU A 33 -8.28 0.86 -0.61
CA LEU A 33 -8.87 1.35 -1.84
C LEU A 33 -9.00 0.22 -2.87
N ARG A 34 -7.98 -0.62 -2.97
CA ARG A 34 -7.97 -1.69 -3.96
C ARG A 34 -9.00 -2.73 -3.59
N VAL A 35 -9.07 -3.10 -2.32
CA VAL A 35 -10.17 -3.98 -1.89
C VAL A 35 -11.55 -3.39 -2.21
N ALA A 36 -11.75 -2.09 -2.01
CA ALA A 36 -13.08 -1.48 -2.27
C ALA A 36 -13.38 -1.47 -3.75
N ALA A 37 -12.37 -1.19 -4.55
CA ALA A 37 -12.51 -1.22 -6.00
C ALA A 37 -12.90 -2.62 -6.43
N THR A 38 -12.31 -3.63 -5.77
CA THR A 38 -12.44 -5.01 -6.20
C THR A 38 -13.80 -5.58 -5.88
N LEU A 39 -14.28 -5.26 -4.69
CA LEU A 39 -15.59 -5.69 -4.26
C LEU A 39 -16.68 -4.83 -4.89
N ARG A 40 -16.30 -3.80 -5.67
CA ARG A 40 -17.25 -2.93 -6.38
C ARG A 40 -18.20 -2.24 -5.39
N LEU A 41 -17.63 -1.87 -4.25
CA LEU A 41 -18.39 -1.36 -3.11
C LEU A 41 -19.24 -0.15 -3.48
N VAL A 42 -18.63 0.79 -4.20
CA VAL A 42 -19.29 2.00 -4.63
C VAL A 42 -20.49 1.71 -5.57
N ASP A 43 -20.29 0.83 -6.54
CA ASP A 43 -21.34 0.45 -7.50
C ASP A 43 -22.53 -0.20 -6.79
N HIS A 44 -22.27 -0.96 -5.74
CA HIS A 44 -23.31 -1.67 -4.98
C HIS A 44 -24.17 -0.69 -4.17
N LEU A 45 -23.53 0.35 -3.62
CA LEU A 45 -24.25 1.43 -2.93
C LEU A 45 -25.11 2.24 -3.90
N LEU A 46 -24.61 2.47 -5.10
CA LEU A 46 -25.36 3.23 -6.11
C LEU A 46 -26.56 2.45 -6.64
N ALA A 47 -26.46 1.13 -6.68
CA ALA A 47 -27.53 0.27 -7.18
C ALA A 47 -28.57 -0.12 -6.12
N GLY A 48 -28.50 0.49 -4.93
CA GLY A 48 -29.57 0.40 -3.94
C GLY A 48 -29.19 0.00 -2.52
N ALA A 49 -28.04 -0.65 -2.36
CA ALA A 49 -27.61 -1.13 -1.04
C ALA A 49 -27.51 0.07 -0.08
N ASP A 50 -28.29 0.03 0.99
CA ASP A 50 -28.33 1.10 1.98
C ASP A 50 -27.72 0.69 3.32
N THR A 51 -27.78 -0.61 3.64
CA THR A 51 -27.26 -1.13 4.91
C THR A 51 -25.88 -1.79 4.77
N LEU A 52 -25.27 -2.03 5.91
CA LEU A 52 -24.03 -2.81 6.00
C LEU A 52 -24.32 -4.26 5.63
N ALA A 53 -25.39 -4.79 6.20
CA ALA A 53 -25.82 -6.19 6.00
C ALA A 53 -26.00 -6.57 4.52
N GLY A 54 -26.73 -5.73 3.79
CA GLY A 54 -26.98 -5.94 2.38
C GLY A 54 -25.73 -5.89 1.53
N LEU A 55 -24.87 -4.91 1.79
CA LEU A 55 -23.53 -4.85 1.20
C LEU A 55 -22.80 -6.18 1.35
N ALA A 56 -22.81 -6.70 2.58
CA ALA A 56 -22.07 -7.91 2.92
C ALA A 56 -22.55 -9.13 2.15
N ASP A 57 -23.86 -9.24 1.94
CA ASP A 57 -24.39 -10.38 1.18
C ASP A 57 -24.08 -10.17 -0.29
N ARG A 58 -24.20 -8.93 -0.74
CA ARG A 58 -23.99 -8.61 -2.15
C ARG A 58 -22.55 -8.87 -2.60
N THR A 59 -21.61 -8.71 -1.68
CA THR A 59 -20.19 -8.86 -1.99
C THR A 59 -19.62 -10.19 -1.53
N ASP A 60 -20.44 -10.97 -0.83
CA ASP A 60 -20.01 -12.23 -0.25
C ASP A 60 -18.74 -11.99 0.59
N THR A 61 -18.85 -11.08 1.55
CA THR A 61 -17.78 -10.78 2.50
C THR A 61 -18.19 -10.93 3.97
N HIS A 62 -17.19 -11.04 4.83
CA HIS A 62 -17.40 -11.08 6.27
C HIS A 62 -17.96 -9.76 6.82
N PRO A 63 -19.20 -9.80 7.31
CA PRO A 63 -19.89 -8.59 7.78
C PRO A 63 -19.10 -7.68 8.72
N GLN A 64 -18.50 -8.19 9.79
CA GLN A 64 -17.73 -7.36 10.71
C GLN A 64 -16.44 -6.84 10.05
N ALA A 65 -15.80 -7.68 9.25
CA ALA A 65 -14.54 -7.28 8.62
C ALA A 65 -14.81 -6.15 7.62
N LEU A 66 -15.88 -6.32 6.85
CA LEU A 66 -16.31 -5.33 5.88
C LEU A 66 -16.66 -3.99 6.53
N SER A 67 -17.38 -4.04 7.66
CA SER A 67 -17.79 -2.82 8.35
C SER A 67 -16.58 -2.07 8.85
N ARG A 68 -15.50 -2.81 9.10
CA ARG A 68 -14.27 -2.19 9.57
C ARG A 68 -13.45 -1.59 8.44
N LEU A 69 -13.54 -2.18 7.25
CA LEU A 69 -12.97 -1.60 6.01
C LEU A 69 -13.75 -0.32 5.71
N VAL A 70 -15.08 -0.39 5.78
CA VAL A 70 -15.95 0.77 5.56
C VAL A 70 -15.69 1.93 6.50
N ARG A 71 -15.43 1.65 7.78
CA ARG A 71 -15.08 2.70 8.76
C ARG A 71 -13.80 3.40 8.32
N HIS A 72 -12.80 2.61 7.93
CA HIS A 72 -11.56 3.17 7.39
C HIS A 72 -11.80 3.99 6.14
N LEU A 73 -12.68 3.52 5.26
CA LEU A 73 -12.98 4.23 4.03
C LEU A 73 -13.74 5.53 4.30
N THR A 74 -14.55 5.55 5.36
CA THR A 74 -15.29 6.75 5.79
C THR A 74 -14.32 7.78 6.36
N VAL A 75 -13.39 7.32 7.19
CA VAL A 75 -12.43 8.24 7.78
C VAL A 75 -11.60 8.92 6.73
N VAL A 76 -11.08 8.15 5.77
CA VAL A 76 -10.22 8.77 4.73
C VAL A 76 -10.96 9.46 3.59
N GLY A 77 -12.29 9.47 3.61
CA GLY A 77 -13.02 10.35 2.70
C GLY A 77 -13.53 9.73 1.41
N VAL A 78 -13.59 8.40 1.34
CA VAL A 78 -14.15 7.70 0.17
C VAL A 78 -15.64 7.42 0.34
N LEU A 79 -16.05 7.06 1.56
CA LEU A 79 -17.44 6.85 1.91
C LEU A 79 -17.86 7.85 3.01
N GLU A 80 -19.17 8.06 3.12
CA GLU A 80 -19.74 8.84 4.22
C GLU A 80 -21.13 8.35 4.62
N GLY A 81 -21.81 8.71 5.46
CA GLY A 81 -22.49 8.20 6.67
C GLY A 81 -23.04 7.17 7.64
N GLY A 82 -23.84 6.26 7.11
CA GLY A 82 -24.13 4.98 7.71
C GLY A 82 -24.87 5.13 9.03
N GLU A 83 -24.05 5.44 10.16
CA GLU A 83 -24.39 5.14 11.55
C GLU A 83 -25.72 5.72 12.03
N ARG A 87 -26.85 10.61 6.60
CA ARG A 87 -27.78 9.61 6.40
C ARG A 87 -27.03 8.48 5.71
N PRO A 88 -27.77 7.67 5.04
CA PRO A 88 -27.24 6.31 4.89
C PRO A 88 -25.88 6.26 4.16
N LEU A 89 -25.28 5.08 4.09
CA LEU A 89 -23.94 4.91 3.55
C LEU A 89 -23.89 5.09 2.01
N ARG A 90 -23.00 5.99 1.56
CA ARG A 90 -22.85 6.29 0.13
C ARG A 90 -21.44 6.75 -0.20
N PRO A 91 -21.13 6.92 -1.49
CA PRO A 91 -19.83 7.50 -1.86
C PRO A 91 -19.76 8.98 -1.55
N THR A 92 -18.55 9.46 -1.30
CA THR A 92 -18.30 10.90 -1.26
C THR A 92 -18.13 11.36 -2.68
N ARG A 93 -17.93 12.66 -2.85
CA ARG A 93 -17.61 13.20 -4.16
C ARG A 93 -16.38 12.46 -4.68
N LEU A 94 -15.35 12.37 -3.85
CA LEU A 94 -14.10 11.71 -4.21
C LEU A 94 -14.38 10.21 -4.49
N GLY A 95 -15.20 9.60 -3.67
CA GLY A 95 -15.54 8.20 -3.80
C GLY A 95 -16.25 7.81 -5.08
N LEU A 97 -15.16 8.45 -7.91
CA LEU A 97 -14.08 7.95 -8.78
C LEU A 97 -14.05 6.41 -8.89
N LEU A 98 -14.65 5.74 -7.90
CA LEU A 98 -14.71 4.26 -7.87
C LEU A 98 -15.96 3.66 -8.55
N ALA A 99 -16.88 4.53 -8.97
CA ALA A 99 -17.98 4.12 -9.85
C ALA A 99 -17.40 3.61 -11.15
N ASP A 100 -17.92 2.48 -11.64
CA ASP A 100 -17.32 1.76 -12.77
C ASP A 100 -17.39 2.56 -14.06
N GLY A 101 -18.42 3.40 -14.16
CA GLY A 101 -18.58 4.28 -15.30
C GLY A 101 -17.82 5.60 -15.28
N HIS A 102 -17.11 5.95 -14.20
CA HIS A 102 -16.25 7.14 -14.23
C HIS A 102 -15.23 7.08 -15.37
N PRO A 103 -15.09 8.15 -16.17
CA PRO A 103 -14.13 8.17 -17.27
C PRO A 103 -12.67 7.87 -16.90
N ALA A 104 -12.20 8.28 -15.73
CA ALA A 104 -10.83 7.92 -15.29
C ALA A 104 -10.62 6.40 -15.04
N GLN A 105 -11.71 5.65 -14.89
CA GLN A 105 -11.68 4.18 -14.80
C GLN A 105 -10.85 3.68 -13.64
N GLN A 106 -10.76 4.50 -12.59
CA GLN A 106 -9.91 4.15 -11.49
C GLN A 106 -10.38 2.88 -10.79
N ARG A 107 -11.68 2.56 -10.81
CA ARG A 107 -12.14 1.30 -10.20
C ARG A 107 -11.45 0.11 -10.84
N ALA A 108 -11.42 0.09 -12.17
CA ALA A 108 -10.74 -0.98 -12.90
C ALA A 108 -9.23 -0.99 -12.70
N TRP A 109 -8.58 0.18 -12.60
CA TRP A 109 -7.11 0.24 -12.39
C TRP A 109 -6.72 -0.33 -11.05
N LEU A 110 -7.54 -0.07 -10.05
CA LEU A 110 -7.28 -0.49 -8.69
C LEU A 110 -7.72 -1.93 -8.44
N ASP A 111 -8.52 -2.50 -9.34
CA ASP A 111 -9.11 -3.84 -9.13
C ASP A 111 -8.05 -4.92 -8.98
N LEU A 112 -8.13 -5.70 -7.89
CA LEU A 112 -7.10 -6.72 -7.58
C LEU A 112 -7.22 -7.94 -8.49
N ASN A 113 -8.37 -8.11 -9.15
CA ASN A 113 -8.55 -9.13 -10.18
C ASN A 113 -8.06 -8.68 -11.56
N GLY A 114 -7.57 -7.43 -11.65
CA GLY A 114 -7.05 -6.85 -12.87
C GLY A 114 -5.54 -6.74 -12.83
N ALA A 115 -4.90 -6.70 -13.99
CA ALA A 115 -3.47 -6.93 -14.10
C ALA A 115 -2.63 -5.91 -13.41
N VAL A 116 -3.07 -4.66 -13.40
CA VAL A 116 -2.20 -3.61 -12.91
C VAL A 116 -2.12 -3.63 -11.39
N SER A 117 -3.25 -3.63 -10.72
CA SER A 117 -3.27 -3.74 -9.26
C SER A 117 -2.60 -5.06 -8.80
N HIS A 118 -2.86 -6.13 -9.54
CA HIS A 118 -2.19 -7.41 -9.33
C HIS A 118 -0.68 -7.20 -9.28
N ALA A 119 -0.15 -6.55 -10.30
CA ALA A 119 1.29 -6.35 -10.43
C ALA A 119 1.76 -5.37 -9.38
N ASP A 120 0.90 -4.41 -9.02
CA ASP A 120 1.21 -3.47 -7.91
C ASP A 120 1.64 -4.16 -6.63
N LEU A 121 1.07 -5.33 -6.34
CA LEU A 121 1.43 -6.05 -5.13
C LEU A 121 2.92 -6.43 -5.08
N ALA A 122 3.54 -6.63 -6.25
CA ALA A 122 4.98 -6.89 -6.34
C ALA A 122 5.87 -5.76 -5.82
N PHE A 123 5.29 -4.61 -5.48
CA PHE A 123 6.07 -3.54 -4.87
C PHE A 123 6.55 -3.85 -3.44
N THR A 124 6.00 -4.88 -2.79
CA THR A 124 6.52 -5.34 -1.49
C THR A 124 7.95 -5.85 -1.62
N GLY A 125 8.30 -6.33 -2.80
CA GLY A 125 9.67 -6.72 -3.14
C GLY A 125 10.55 -5.59 -3.69
N LEU A 126 10.19 -4.34 -3.38
CA LEU A 126 10.91 -3.21 -3.94
C LEU A 126 12.37 -3.13 -3.47
N LEU A 127 12.66 -3.59 -2.24
CA LEU A 127 14.01 -3.52 -1.71
C LEU A 127 14.98 -4.23 -2.65
N ASP A 128 14.60 -5.42 -3.09
CA ASP A 128 15.43 -6.19 -4.00
C ASP A 128 15.39 -5.74 -5.46
N VAL A 129 14.42 -4.90 -5.80
CA VAL A 129 14.45 -4.18 -7.07
C VAL A 129 15.53 -3.12 -7.00
N VAL A 130 15.59 -2.36 -5.91
CA VAL A 130 16.56 -1.28 -5.75
C VAL A 130 18.02 -1.80 -5.61
N ARG A 131 18.14 -3.09 -5.26
CA ARG A 131 19.42 -3.73 -4.97
C ARG A 131 20.02 -4.35 -6.23
N THR A 132 19.16 -4.94 -7.07
CA THR A 132 19.59 -5.74 -8.20
C THR A 132 19.20 -5.15 -9.56
N GLY A 133 18.40 -4.08 -9.56
CA GLY A 133 17.72 -3.60 -10.75
C GLY A 133 16.86 -4.59 -11.53
N ARG A 134 16.55 -5.75 -10.97
CA ARG A 134 15.70 -6.73 -11.64
C ARG A 134 14.24 -6.47 -11.23
N PRO A 135 13.29 -6.85 -12.08
CA PRO A 135 11.86 -6.83 -11.69
C PRO A 135 11.55 -7.79 -10.52
N ALA A 136 10.51 -7.45 -9.73
CA ALA A 136 10.03 -8.23 -8.59
C ALA A 136 8.86 -9.10 -8.94
N TYR A 137 8.24 -8.85 -10.08
CA TYR A 137 6.99 -9.51 -10.44
C TYR A 137 7.11 -11.05 -10.35
N ALA A 138 8.26 -11.56 -10.77
CA ALA A 138 8.49 -13.00 -10.87
C ALA A 138 8.63 -13.64 -9.48
N GLY A 139 9.36 -12.97 -8.61
CA GLY A 139 9.55 -13.41 -7.24
C GLY A 139 8.25 -13.58 -6.45
N ARG A 140 7.20 -12.84 -6.82
CA ARG A 140 5.89 -12.91 -6.16
C ARG A 140 4.96 -13.93 -6.85
N TYR A 141 4.86 -13.86 -8.18
CA TYR A 141 3.86 -14.61 -8.95
C TYR A 141 4.41 -15.79 -9.77
N GLY A 142 5.73 -15.92 -9.81
CA GLY A 142 6.37 -17.09 -10.37
C GLY A 142 7.04 -16.86 -11.71
N ARG A 143 6.29 -16.35 -12.69
CA ARG A 143 6.83 -15.99 -13.99
C ARG A 143 6.72 -14.48 -14.24
N PRO A 144 7.53 -13.94 -15.16
CA PRO A 144 7.58 -12.50 -15.37
C PRO A 144 6.37 -11.99 -16.16
N PHE A 145 6.17 -10.68 -16.12
CA PHE A 145 4.93 -10.04 -16.55
C PHE A 145 4.28 -10.61 -17.81
N TRP A 146 4.93 -10.47 -18.96
CA TRP A 146 4.30 -10.85 -20.21
C TRP A 146 4.07 -12.35 -20.31
N GLU A 147 4.98 -13.12 -19.74
CA GLU A 147 4.82 -14.56 -19.70
C GLU A 147 3.54 -14.89 -18.91
N ASP A 148 3.37 -14.22 -17.75
CA ASP A 148 2.18 -14.41 -16.91
C ASP A 148 0.86 -14.14 -17.63
N LEU A 149 0.76 -12.98 -18.26
CA LEU A 149 -0.42 -12.59 -19.05
C LEU A 149 -0.68 -13.57 -20.18
N SER A 150 0.40 -14.04 -20.78
CA SER A 150 0.33 -15.07 -21.82
C SER A 150 -0.39 -16.32 -21.29
N ALA A 151 -0.03 -16.73 -20.08
CA ALA A 151 -0.52 -17.99 -19.52
C ALA A 151 -1.85 -17.84 -18.78
N ASP A 152 -2.19 -16.63 -18.34
CA ASP A 152 -3.42 -16.37 -17.56
C ASP A 152 -4.33 -15.41 -18.33
N VAL A 153 -5.37 -15.96 -18.95
CA VAL A 153 -6.15 -15.20 -19.91
C VAL A 153 -7.03 -14.12 -19.28
N ALA A 154 -7.50 -14.34 -18.05
CA ALA A 154 -8.34 -13.35 -17.36
C ALA A 154 -7.52 -12.12 -16.97
N LEU A 155 -6.23 -12.31 -16.73
CA LEU A 155 -5.35 -11.16 -16.43
C LEU A 155 -5.00 -10.39 -17.70
N ALA A 156 -4.95 -11.10 -18.82
CA ALA A 156 -4.65 -10.47 -20.12
C ALA A 156 -5.85 -9.71 -20.66
N ASP A 157 -7.05 -10.24 -20.45
CA ASP A 157 -8.28 -9.54 -20.78
C ASP A 157 -8.38 -8.19 -20.03
N SER A 158 -8.02 -8.18 -18.75
CA SER A 158 -8.17 -6.98 -17.95
C SER A 158 -7.09 -5.97 -18.28
N PHE A 159 -5.93 -6.45 -18.72
CA PHE A 159 -4.87 -5.55 -19.14
C PHE A 159 -5.19 -4.87 -20.46
N ASP A 160 -5.80 -5.61 -21.38
CA ASP A 160 -6.20 -5.07 -22.68
C ASP A 160 -7.32 -4.07 -22.49
N ALA A 161 -8.23 -4.35 -21.56
CA ALA A 161 -9.35 -3.46 -21.29
C ALA A 161 -8.88 -2.14 -20.62
N LEU A 162 -7.85 -2.22 -19.77
CA LEU A 162 -7.30 -1.02 -19.12
C LEU A 162 -6.58 -0.08 -20.09
N SER A 164 -7.21 0.24 -23.28
CA SER A 164 -8.21 0.78 -24.25
C SER A 164 -8.51 2.26 -24.02
N CYS A 165 -8.63 3.05 -25.09
CA CYS A 165 -8.84 4.50 -24.98
C CYS A 165 -10.27 4.95 -25.34
N ASP A 166 -11.23 4.01 -25.31
CA ASP A 166 -12.62 4.33 -25.57
C ASP A 166 -13.16 5.27 -24.48
N ASP A 176 -6.57 10.55 -34.29
CA ASP A 176 -5.48 11.37 -33.78
C ASP A 176 -5.30 12.65 -34.64
N ALA A 177 -4.64 13.67 -34.06
CA ALA A 177 -4.31 14.92 -34.76
C ALA A 177 -2.85 14.96 -35.24
N TYR A 178 -2.57 14.15 -36.27
CA TYR A 178 -1.37 14.20 -37.10
C TYR A 178 -1.88 14.54 -38.50
N ASP A 179 -1.02 14.72 -39.48
CA ASP A 179 -1.46 14.93 -40.87
C ASP A 179 -1.41 13.62 -41.65
N TRP A 180 -2.59 13.05 -41.93
CA TRP A 180 -2.68 11.73 -42.59
C TRP A 180 -2.94 11.75 -44.10
N SER A 181 -3.12 12.93 -44.71
CA SER A 181 -3.47 13.01 -46.14
C SER A 181 -2.44 12.38 -47.11
N ALA A 182 -1.15 12.50 -46.79
CA ALA A 182 -0.09 11.94 -47.63
C ALA A 182 0.19 10.44 -47.39
N VAL A 183 -0.41 9.88 -46.33
CA VAL A 183 -0.10 8.54 -45.84
C VAL A 183 -0.97 7.45 -46.53
N ARG A 184 -0.35 6.33 -46.88
CA ARG A 184 -1.07 5.21 -47.49
C ARG A 184 -1.22 4.00 -46.55
N HIS A 185 -0.23 3.77 -45.69
CA HIS A 185 -0.16 2.53 -44.92
C HIS A 185 0.47 2.77 -43.55
N VAL A 186 -0.29 2.46 -42.49
CA VAL A 186 0.15 2.58 -41.11
C VAL A 186 0.36 1.20 -40.46
N LEU A 187 1.53 0.99 -39.86
CA LEU A 187 1.88 -0.22 -39.12
C LEU A 187 1.95 0.14 -37.64
N ASP A 188 0.98 -0.34 -36.84
CA ASP A 188 1.02 -0.14 -35.38
C ASP A 188 1.64 -1.37 -34.76
N VAL A 189 2.86 -1.21 -34.26
CA VAL A 189 3.65 -2.27 -33.65
C VAL A 189 3.30 -2.36 -32.14
N GLY A 190 2.74 -3.47 -31.72
CA GLY A 190 2.24 -3.60 -30.34
C GLY A 190 1.05 -2.69 -30.07
N GLY A 191 0.12 -2.64 -31.01
CA GLY A 191 -0.97 -1.66 -30.94
C GLY A 191 -2.16 -2.06 -30.07
N GLY A 192 -1.95 -2.92 -29.08
CA GLY A 192 -3.00 -3.38 -28.20
C GLY A 192 -4.19 -3.99 -28.93
N ASN A 193 -5.39 -3.67 -28.46
CA ASN A 193 -6.59 -4.19 -29.08
C ASN A 193 -7.04 -3.31 -30.24
N GLY A 194 -6.19 -2.35 -30.61
CA GLY A 194 -6.33 -1.66 -31.87
C GLY A 194 -7.12 -0.36 -31.87
N GLY A 195 -7.38 0.22 -30.70
CA GLY A 195 -8.13 1.47 -30.62
C GLY A 195 -7.50 2.68 -31.34
N LEU A 197 -5.38 2.59 -33.89
CA LEU A 197 -5.44 2.33 -35.32
C LEU A 197 -6.84 2.55 -35.88
N ALA A 198 -7.87 2.18 -35.12
CA ALA A 198 -9.25 2.40 -35.56
C ALA A 198 -9.54 3.88 -35.61
N ALA A 199 -9.10 4.63 -34.61
CA ALA A 199 -9.33 6.09 -34.59
C ALA A 199 -8.71 6.76 -35.82
N ILE A 200 -7.46 6.44 -36.09
CA ILE A 200 -6.76 6.97 -37.25
C ILE A 200 -7.44 6.59 -38.56
N ALA A 201 -7.84 5.33 -38.69
CA ALA A 201 -8.43 4.88 -39.96
C ALA A 201 -9.78 5.57 -40.21
N LEU A 202 -10.59 5.72 -39.17
CA LEU A 202 -11.91 6.36 -39.29
C LEU A 202 -11.82 7.86 -39.66
N ARG A 203 -10.72 8.50 -39.24
CA ARG A 203 -10.48 9.92 -39.50
C ARG A 203 -9.81 10.17 -40.86
N ALA A 204 -9.10 9.17 -41.37
CA ALA A 204 -8.43 9.23 -42.66
C ALA A 204 -8.87 8.03 -43.52
N PRO A 205 -10.02 8.17 -44.20
CA PRO A 205 -10.65 7.05 -44.94
C PRO A 205 -9.85 6.42 -46.07
N HIS A 206 -8.92 7.14 -46.65
CA HIS A 206 -8.08 6.61 -47.75
C HIS A 206 -7.02 5.60 -47.29
N LEU A 207 -6.84 5.50 -45.99
CA LEU A 207 -5.66 4.90 -45.37
C LEU A 207 -5.82 3.40 -45.27
N ARG A 208 -4.68 2.71 -45.24
CA ARG A 208 -4.61 1.27 -45.03
C ARG A 208 -3.90 1.06 -43.70
N GLY A 209 -4.19 -0.07 -43.02
CA GLY A 209 -3.65 -0.32 -41.69
C GLY A 209 -3.24 -1.76 -41.46
N THR A 210 -2.23 -1.95 -40.61
CA THR A 210 -1.76 -3.26 -40.19
C THR A 210 -1.35 -3.16 -38.73
N LEU A 211 -1.84 -4.10 -37.92
CA LEU A 211 -1.51 -4.21 -36.50
C LEU A 211 -0.73 -5.49 -36.21
N VAL A 212 0.37 -5.35 -35.48
CA VAL A 212 1.15 -6.47 -35.01
C VAL A 212 1.03 -6.54 -33.48
N GLU A 213 0.64 -7.71 -32.98
CA GLU A 213 0.39 -7.90 -31.56
C GLU A 213 0.49 -9.37 -31.17
N LEU A 214 0.63 -9.62 -29.87
CA LEU A 214 0.48 -10.97 -29.32
C LEU A 214 -0.94 -11.55 -29.58
N ALA A 215 -1.14 -12.81 -29.26
CA ALA A 215 -2.35 -13.52 -29.71
C ALA A 215 -3.64 -12.92 -29.17
N GLY A 216 -3.65 -12.52 -27.90
CA GLY A 216 -4.83 -11.99 -27.23
C GLY A 216 -5.25 -10.62 -27.77
N PRO A 217 -4.40 -9.63 -27.61
CA PRO A 217 -4.62 -8.32 -28.24
C PRO A 217 -5.02 -8.44 -29.72
N ALA A 218 -4.41 -9.37 -30.46
CA ALA A 218 -4.60 -9.44 -31.89
C ALA A 218 -6.00 -9.89 -32.26
N GLU A 219 -6.57 -10.84 -31.51
CA GLU A 219 -7.93 -11.30 -31.79
C GLU A 219 -8.96 -10.24 -31.36
N ARG A 220 -8.72 -9.62 -30.21
CA ARG A 220 -9.59 -8.53 -29.79
C ARG A 220 -9.56 -7.36 -30.81
N ALA A 221 -8.44 -7.18 -31.53
CA ALA A 221 -8.37 -6.15 -32.57
C ALA A 221 -9.12 -6.57 -33.83
N ARG A 222 -9.04 -7.87 -34.16
CA ARG A 222 -9.81 -8.45 -35.25
C ARG A 222 -11.32 -8.20 -35.02
N ARG A 223 -11.75 -8.36 -33.79
CA ARG A 223 -13.16 -8.16 -33.46
C ARG A 223 -13.58 -6.71 -33.56
N ARG A 224 -12.79 -5.82 -32.97
CA ARG A 224 -12.97 -4.38 -33.10
C ARG A 224 -13.17 -3.94 -34.57
N PHE A 225 -12.28 -4.35 -35.47
CA PHE A 225 -12.29 -3.88 -36.86
C PHE A 225 -13.47 -4.47 -37.63
N ALA A 226 -13.75 -5.75 -37.41
CA ALA A 226 -14.89 -6.39 -38.04
C ALA A 226 -16.17 -5.70 -37.59
N ASP A 227 -16.30 -5.37 -36.31
CA ASP A 227 -17.51 -4.71 -35.80
C ASP A 227 -17.69 -3.27 -36.31
N ALA A 228 -16.57 -2.58 -36.55
CA ALA A 228 -16.58 -1.17 -36.92
C ALA A 228 -16.82 -0.97 -38.41
N GLY A 229 -16.61 -2.02 -39.21
CA GLY A 229 -16.68 -1.91 -40.66
C GLY A 229 -15.34 -1.51 -41.26
N LEU A 230 -14.25 -1.91 -40.60
CA LEU A 230 -12.89 -1.55 -41.01
C LEU A 230 -12.05 -2.72 -41.52
N ALA A 231 -12.62 -3.91 -41.63
CA ALA A 231 -11.85 -5.13 -41.91
C ALA A 231 -11.20 -5.16 -43.29
N ASP A 232 -11.86 -4.57 -44.27
CA ASP A 232 -11.30 -4.57 -45.63
C ASP A 232 -10.06 -3.66 -45.82
N ARG A 233 -9.79 -2.77 -44.89
CA ARG A 233 -8.55 -1.97 -44.97
C ARG A 233 -7.70 -1.89 -43.71
N VAL A 234 -8.09 -2.62 -42.65
CA VAL A 234 -7.24 -2.74 -41.47
C VAL A 234 -7.18 -4.20 -41.12
N THR A 235 -5.98 -4.76 -41.13
CA THR A 235 -5.79 -6.18 -40.91
C THR A 235 -4.87 -6.39 -39.72
N VAL A 236 -4.96 -7.58 -39.17
CA VAL A 236 -4.19 -7.98 -38.00
C VAL A 236 -3.22 -9.09 -38.37
N ALA A 237 -2.00 -8.97 -37.90
CA ALA A 237 -1.00 -10.03 -38.03
C ALA A 237 -0.48 -10.34 -36.65
N GLU A 238 -0.81 -11.52 -36.11
CA GLU A 238 -0.19 -11.99 -34.88
C GLU A 238 1.32 -12.20 -35.10
N GLY A 239 2.11 -11.80 -34.13
CA GLY A 239 3.54 -11.82 -34.27
C GLY A 239 4.22 -11.21 -33.07
N ASP A 240 5.53 -11.20 -33.17
CA ASP A 240 6.44 -10.85 -32.09
C ASP A 240 7.33 -9.77 -32.67
N PHE A 241 7.31 -8.57 -32.07
CA PHE A 241 8.15 -7.46 -32.55
C PHE A 241 9.66 -7.53 -32.20
N PHE A 242 10.12 -8.67 -31.68
CA PHE A 242 11.56 -8.96 -31.54
C PHE A 242 12.07 -9.72 -32.78
N LYS A 243 11.14 -10.28 -33.54
CA LYS A 243 11.44 -10.90 -34.83
C LYS A 243 11.08 -9.89 -35.90
N PRO A 244 11.62 -10.02 -37.12
CA PRO A 244 11.40 -9.01 -38.16
C PRO A 244 9.93 -8.86 -38.56
N LEU A 245 9.52 -7.63 -38.83
CA LEU A 245 8.12 -7.30 -39.06
C LEU A 245 7.66 -7.75 -40.45
N PRO A 246 6.41 -8.22 -40.54
CA PRO A 246 5.92 -8.93 -41.73
C PRO A 246 5.51 -8.04 -42.91
N VAL A 247 5.41 -6.74 -42.68
CA VAL A 247 5.15 -5.80 -43.75
C VAL A 247 5.99 -4.54 -43.56
N THR A 248 6.04 -3.74 -44.63
CA THR A 248 6.58 -2.40 -44.61
C THR A 248 5.43 -1.39 -44.66
N ALA A 249 5.60 -0.24 -44.03
CA ALA A 249 4.59 0.80 -44.08
C ALA A 249 5.27 2.16 -44.20
N ASP A 250 4.54 3.15 -44.68
CA ASP A 250 5.09 4.49 -44.78
C ASP A 250 4.94 5.26 -43.47
N VAL A 251 4.06 4.77 -42.59
CA VAL A 251 4.12 5.19 -41.19
C VAL A 251 4.12 3.96 -40.30
N VAL A 252 5.03 3.98 -39.34
CA VAL A 252 5.07 2.99 -38.27
C VAL A 252 4.81 3.69 -36.94
N LEU A 253 3.99 3.08 -36.10
CA LEU A 253 3.64 3.63 -34.78
C LEU A 253 4.11 2.71 -33.65
N LEU A 254 4.75 3.28 -32.63
CA LEU A 254 5.10 2.63 -31.37
C LEU A 254 4.49 3.42 -30.24
N SER A 255 3.33 2.98 -29.77
CA SER A 255 2.55 3.71 -28.79
C SER A 255 2.63 3.03 -27.44
N PHE A 256 3.38 3.63 -26.52
CA PHE A 256 3.57 3.11 -25.17
C PHE A 256 4.05 1.67 -25.17
N VAL A 257 5.06 1.45 -26.04
CA VAL A 257 5.80 0.21 -26.10
C VAL A 257 7.18 0.33 -25.45
N LEU A 258 7.96 1.35 -25.80
CA LEU A 258 9.38 1.43 -25.42
C LEU A 258 9.65 1.43 -23.93
N LEU A 259 8.77 2.08 -23.19
CA LEU A 259 8.87 2.16 -21.73
C LEU A 259 8.74 0.83 -20.98
N ASN A 260 8.24 -0.21 -21.67
CA ASN A 260 8.18 -1.57 -21.12
C ASN A 260 9.53 -2.29 -21.18
N TRP A 261 10.48 -1.73 -21.90
CA TRP A 261 11.71 -2.46 -22.21
C TRP A 261 12.97 -1.74 -21.78
N SER A 262 14.02 -2.54 -21.59
CA SER A 262 15.39 -2.05 -21.31
C SER A 262 15.95 -1.40 -22.57
N ASP A 263 17.02 -0.62 -22.45
CA ASP A 263 17.66 -0.01 -23.61
C ASP A 263 17.86 -1.02 -24.71
N GLU A 264 18.38 -2.18 -24.35
CA GLU A 264 18.71 -3.24 -25.28
C GLU A 264 17.52 -3.77 -26.08
N ASP A 265 16.42 -4.08 -25.38
CA ASP A 265 15.22 -4.62 -26.03
C ASP A 265 14.51 -3.54 -26.86
N ALA A 266 14.44 -2.32 -26.32
CA ALA A 266 13.87 -1.18 -27.06
C ALA A 266 14.61 -0.95 -28.37
N LEU A 267 15.93 -1.10 -28.32
CA LEU A 267 16.78 -0.91 -29.50
C LEU A 267 16.48 -1.97 -30.54
N THR A 268 16.24 -3.22 -30.13
CA THR A 268 15.95 -4.23 -31.16
C THR A 268 14.52 -4.14 -31.72
N ILE A 269 13.62 -3.46 -31.01
CA ILE A 269 12.31 -3.10 -31.54
C ILE A 269 12.45 -1.93 -32.52
N LEU A 270 13.26 -0.94 -32.14
CA LEU A 270 13.46 0.24 -32.97
C LEU A 270 14.06 -0.15 -34.30
N ARG A 271 15.06 -1.03 -34.27
CA ARG A 271 15.71 -1.47 -35.50
C ARG A 271 14.77 -2.28 -36.37
N GLY A 272 13.92 -3.12 -35.75
CA GLY A 272 12.85 -3.79 -36.46
C GLY A 272 11.93 -2.81 -37.16
N CYS A 273 11.56 -1.71 -36.48
CA CYS A 273 10.71 -0.67 -37.06
C CYS A 273 11.37 0.15 -38.18
N VAL A 274 12.67 0.43 -38.05
CA VAL A 274 13.42 1.13 -39.09
C VAL A 274 13.42 0.29 -40.36
N ARG A 275 13.56 -1.03 -40.19
CA ARG A 275 13.67 -1.95 -41.32
C ARG A 275 12.35 -2.02 -42.11
N ALA A 276 11.23 -1.86 -41.42
CA ALA A 276 9.89 -1.87 -42.04
C ALA A 276 9.47 -0.49 -42.53
N LEU A 277 10.25 0.53 -42.20
CA LEU A 277 10.00 1.89 -42.67
C LEU A 277 10.37 1.99 -44.14
N GLU A 278 9.37 2.22 -44.98
CA GLU A 278 9.60 2.48 -46.40
C GLU A 278 10.37 3.76 -46.63
N PRO A 279 11.01 3.87 -47.81
CA PRO A 279 11.75 5.09 -48.16
C PRO A 279 10.94 6.35 -47.89
N GLY A 280 11.49 7.31 -47.16
CA GLY A 280 10.77 8.52 -46.78
C GLY A 280 9.70 8.36 -45.70
N GLY A 281 9.69 7.23 -45.00
CA GLY A 281 8.66 6.98 -43.98
C GLY A 281 8.87 7.77 -42.70
N ARG A 282 7.95 7.65 -41.76
CA ARG A 282 8.08 8.31 -40.47
C ARG A 282 7.77 7.33 -39.34
N LEU A 283 8.64 7.29 -38.34
CA LEU A 283 8.35 6.49 -37.15
C LEU A 283 7.74 7.45 -36.15
N LEU A 284 6.54 7.12 -35.69
CA LEU A 284 5.92 7.86 -34.61
C LEU A 284 6.09 7.07 -33.33
N VAL A 285 6.70 7.68 -32.32
CA VAL A 285 6.79 7.15 -30.98
C VAL A 285 5.87 7.98 -30.10
N LEU A 286 4.90 7.30 -29.47
CA LEU A 286 4.09 7.94 -28.44
C LEU A 286 4.46 7.40 -27.07
N ASP A 287 5.04 8.25 -26.25
CA ASP A 287 5.49 7.87 -24.92
C ASP A 287 5.60 9.11 -24.06
N ARG A 288 5.90 8.90 -22.79
CA ARG A 288 6.14 9.99 -21.87
C ARG A 288 7.58 10.47 -22.13
N ALA A 289 7.77 11.72 -22.53
CA ALA A 289 9.07 12.22 -22.97
C ALA A 289 9.34 13.56 -22.32
N ASP A 290 9.68 13.50 -21.05
CA ASP A 290 9.91 14.68 -20.26
C ASP A 290 11.03 15.55 -20.83
N VAL A 291 10.82 16.86 -20.73
CA VAL A 291 11.76 17.91 -21.13
C VAL A 291 11.83 18.87 -19.95
N GLU A 292 13.02 19.41 -19.67
CA GLU A 292 13.26 20.27 -18.50
C GLU A 292 12.20 21.32 -18.10
N GLY A 293 11.57 22.01 -19.04
CA GLY A 293 10.56 23.01 -18.66
C GLY A 293 9.12 22.64 -19.02
N ASP A 294 8.89 21.37 -19.30
CA ASP A 294 7.58 20.81 -19.63
C ASP A 294 6.47 21.39 -18.78
N GLY A 295 6.75 21.50 -17.49
CA GLY A 295 5.73 21.75 -16.50
C GLY A 295 4.93 20.49 -16.20
N ALA A 296 5.34 19.35 -16.77
CA ALA A 296 4.60 18.10 -16.61
C ALA A 296 4.93 17.55 -15.21
N ASP A 297 3.92 16.95 -14.58
CA ASP A 297 4.01 16.54 -13.18
C ASP A 297 4.92 15.31 -13.04
N ARG A 298 6.05 15.52 -12.37
CA ARG A 298 7.07 14.47 -12.24
C ARG A 298 6.67 13.35 -11.27
N PHE A 299 5.61 13.55 -10.49
CA PHE A 299 5.01 12.45 -9.72
C PHE A 299 4.63 11.30 -10.64
N PHE A 300 3.92 11.61 -11.71
CA PHE A 300 3.48 10.58 -12.64
C PHE A 300 4.59 10.02 -13.49
N SER A 301 5.59 10.84 -13.81
CA SER A 301 6.79 10.38 -14.51
C SER A 301 7.53 9.31 -13.70
N THR A 302 7.74 9.57 -12.40
CA THR A 302 8.51 8.66 -11.53
C THR A 302 7.72 7.42 -11.11
N LEU A 303 6.43 7.60 -10.83
CA LEU A 303 5.54 6.50 -10.47
C LEU A 303 5.56 5.46 -11.56
N LEU A 304 5.25 5.89 -12.76
CA LEU A 304 5.23 5.00 -13.91
C LEU A 304 6.61 4.40 -14.15
N ASP A 305 7.65 5.19 -13.93
CA ASP A 305 9.01 4.70 -14.08
C ASP A 305 9.28 3.55 -13.08
N LEU A 306 8.86 3.72 -11.84
CA LEU A 306 9.08 2.70 -10.80
C LEU A 306 8.29 1.45 -11.08
N ARG A 307 7.09 1.62 -11.62
CA ARG A 307 6.27 0.52 -12.08
C ARG A 307 6.90 -0.23 -13.23
N LEU A 309 10.04 -0.50 -13.86
CA LEU A 309 11.19 -1.16 -13.26
C LEU A 309 10.70 -2.36 -12.48
N THR A 310 9.72 -2.14 -11.62
CA THR A 310 9.29 -3.17 -10.70
C THR A 310 8.60 -4.33 -11.40
N PHE A 311 7.87 -4.03 -12.48
CA PHE A 311 7.05 -5.02 -13.15
C PHE A 311 7.75 -5.84 -14.23
N GLY A 313 11.34 -4.63 -15.79
CA GLY A 313 12.66 -4.11 -16.15
C GLY A 313 12.66 -3.07 -17.26
N GLY A 314 11.54 -2.36 -17.40
CA GLY A 314 11.39 -1.28 -18.36
C GLY A 314 11.88 0.02 -17.79
N ARG A 315 11.80 1.10 -18.56
CA ARG A 315 12.10 2.41 -18.04
C ARG A 315 11.37 3.53 -18.79
N VAL A 316 10.94 4.53 -18.04
CA VAL A 316 10.45 5.76 -18.64
C VAL A 316 11.67 6.63 -18.97
N ARG A 317 11.68 7.14 -20.19
CA ARG A 317 12.79 7.91 -20.72
C ARG A 317 12.38 9.36 -20.96
N THR A 318 13.29 10.29 -20.66
CA THR A 318 13.10 11.68 -21.07
C THR A 318 13.16 11.75 -22.60
N ARG A 319 12.67 12.86 -23.14
CA ARG A 319 12.80 13.15 -24.56
C ARG A 319 14.23 12.91 -25.07
N ASP A 320 15.23 13.44 -24.37
CA ASP A 320 16.63 13.28 -24.81
C ASP A 320 17.05 11.82 -24.84
N GLU A 321 16.64 11.07 -23.82
CA GLU A 321 16.99 9.65 -23.77
C GLU A 321 16.34 8.85 -24.90
N VAL A 322 15.08 9.16 -25.21
CA VAL A 322 14.38 8.47 -26.31
C VAL A 322 15.07 8.81 -27.63
N VAL A 323 15.33 10.10 -27.82
CA VAL A 323 15.96 10.60 -29.04
C VAL A 323 17.39 10.07 -29.19
N ASP A 324 18.15 9.98 -28.11
CA ASP A 324 19.48 9.36 -28.16
C ASP A 324 19.39 7.88 -28.54
N LEU A 325 18.50 7.13 -27.89
CA LEU A 325 18.28 5.72 -28.23
C LEU A 325 17.92 5.53 -29.70
N ALA A 326 17.02 6.39 -30.19
CA ALA A 326 16.56 6.34 -31.58
C ALA A 326 17.71 6.57 -32.56
N GLY A 327 18.62 7.47 -32.17
CA GLY A 327 19.85 7.74 -32.92
C GLY A 327 20.69 6.49 -33.19
N SER A 328 20.79 5.61 -32.19
CA SER A 328 21.56 4.37 -32.29
C SER A 328 20.93 3.39 -33.23
N ALA A 329 19.61 3.47 -33.39
CA ALA A 329 18.88 2.67 -34.39
C ALA A 329 18.89 3.34 -35.76
N GLY A 330 19.47 4.53 -35.83
CA GLY A 330 19.68 5.23 -37.09
C GLY A 330 18.65 6.31 -37.39
N LEU A 331 18.01 6.84 -36.35
CA LEU A 331 16.85 7.71 -36.54
C LEU A 331 17.13 9.11 -36.04
N ALA A 332 16.57 10.09 -36.76
CA ALA A 332 16.70 11.49 -36.44
C ALA A 332 15.32 12.08 -36.19
N LEU A 333 15.19 12.95 -35.21
CA LEU A 333 13.89 13.52 -34.87
C LEU A 333 13.49 14.60 -35.89
N ALA A 334 12.27 14.49 -36.42
CA ALA A 334 11.73 15.42 -37.43
C ALA A 334 10.83 16.47 -36.78
N SER A 335 10.02 16.05 -35.82
CA SER A 335 9.15 16.95 -35.07
C SER A 335 8.68 16.28 -33.79
N GLU A 336 8.23 17.12 -32.88
CA GLU A 336 7.77 16.67 -31.59
C GLU A 336 6.60 17.54 -31.15
N ARG A 337 5.58 16.88 -30.63
CA ARG A 337 4.36 17.52 -30.16
C ARG A 337 3.99 16.96 -28.79
N THR A 338 3.48 17.83 -27.92
CA THR A 338 2.86 17.44 -26.68
C THR A 338 1.38 17.18 -26.94
N SER A 339 0.87 16.09 -26.36
CA SER A 339 -0.57 15.90 -26.18
C SER A 339 -0.86 15.41 -24.76
N GLY A 340 -1.98 14.72 -24.56
CA GLY A 340 -2.32 14.24 -23.22
C GLY A 340 -3.73 13.70 -23.09
N SER A 341 -3.86 12.67 -22.25
CA SER A 341 -5.12 12.05 -21.89
C SER A 341 -6.21 13.08 -21.53
N THR A 342 -7.45 12.77 -21.92
CA THR A 342 -8.64 13.60 -21.65
C THR A 342 -9.11 13.48 -20.20
N THR A 343 -8.81 12.33 -19.59
CA THR A 343 -9.39 11.92 -18.31
C THR A 343 -8.43 12.08 -17.12
N LEU A 344 -7.17 11.70 -17.31
CA LEU A 344 -6.19 11.65 -16.23
C LEU A 344 -5.19 12.77 -16.41
N PRO A 345 -4.50 13.15 -15.35
CA PRO A 345 -3.46 14.17 -15.45
C PRO A 345 -2.20 13.53 -16.03
N PHE A 346 -2.10 13.47 -17.35
CA PHE A 346 -1.00 12.75 -17.97
C PHE A 346 -0.62 13.24 -19.34
N ASP A 347 0.34 14.15 -19.38
CA ASP A 347 0.89 14.65 -20.62
C ASP A 347 1.74 13.56 -21.24
N PHE A 348 1.74 13.46 -22.55
CA PHE A 348 2.74 12.66 -23.22
C PHE A 348 3.16 13.35 -24.51
N SER A 349 4.08 12.73 -25.23
CA SER A 349 4.59 13.33 -26.44
C SER A 349 4.48 12.41 -27.65
N ILE A 350 4.52 13.04 -28.81
CA ILE A 350 4.50 12.36 -30.09
C ILE A 350 5.76 12.78 -30.84
N LEU A 351 6.67 11.82 -31.00
CA LEU A 351 7.99 12.08 -31.53
C LEU A 351 8.07 11.45 -32.89
N GLU A 352 8.21 12.27 -33.92
CA GLU A 352 8.28 11.76 -35.28
C GLU A 352 9.74 11.63 -35.66
N PHE A 353 10.11 10.52 -36.27
CA PHE A 353 11.50 10.25 -36.66
C PHE A 353 11.54 9.89 -38.14
N THR A 354 12.70 10.17 -38.76
CA THR A 354 12.99 9.72 -40.12
C THR A 354 14.21 8.80 -40.12
N ALA A 355 14.22 7.82 -41.01
CA ALA A 355 15.41 6.98 -41.22
C ALA A 355 16.46 7.85 -41.87
N VAL A 356 17.64 7.93 -41.24
CA VAL A 356 18.71 8.85 -41.62
C VAL A 356 19.42 8.43 -42.91
N SER A 357 18.93 7.38 -43.56
CA SER A 357 19.45 6.93 -44.84
C SER A 357 18.53 5.87 -45.39
N PRO B 9 -26.16 13.15 -8.83
CA PRO B 9 -25.00 12.26 -8.67
C PRO B 9 -23.73 13.08 -8.57
N LEU B 10 -22.93 12.83 -7.52
CA LEU B 10 -21.75 13.65 -7.24
C LEU B 10 -20.63 13.46 -8.30
N GLU B 11 -19.87 14.52 -8.53
CA GLU B 11 -18.92 14.56 -9.66
C GLU B 11 -17.51 14.90 -9.17
N PRO B 12 -16.58 13.94 -9.25
CA PRO B 12 -15.18 14.16 -8.87
C PRO B 12 -14.49 15.32 -9.62
N THR B 13 -13.54 15.98 -8.95
CA THR B 13 -12.78 17.07 -9.56
C THR B 13 -11.35 16.64 -9.82
N ASP B 14 -10.59 17.50 -10.46
CA ASP B 14 -9.16 17.26 -10.71
C ASP B 14 -8.40 17.03 -9.42
N GLN B 15 -8.85 17.66 -8.34
CA GLN B 15 -8.15 17.55 -7.05
C GLN B 15 -8.50 16.23 -6.33
N ASP B 16 -9.73 15.74 -6.47
CA ASP B 16 -10.09 14.41 -5.95
C ASP B 16 -9.22 13.31 -6.59
N LEU B 17 -9.16 13.36 -7.92
CA LEU B 17 -8.38 12.41 -8.70
C LEU B 17 -6.90 12.50 -8.34
N ASP B 18 -6.41 13.73 -8.12
CA ASP B 18 -5.03 13.90 -7.69
C ASP B 18 -4.77 13.26 -6.32
N VAL B 19 -5.67 13.46 -5.37
CA VAL B 19 -5.57 12.83 -4.04
C VAL B 19 -5.66 11.27 -4.13
N LEU B 20 -6.56 10.76 -4.96
CA LEU B 20 -6.66 9.32 -5.15
C LEU B 20 -5.32 8.77 -5.69
N LEU B 21 -4.80 9.38 -6.76
CA LEU B 21 -3.61 8.88 -7.42
C LEU B 21 -2.32 9.03 -6.60
N LYS B 22 -2.22 10.10 -5.81
CA LYS B 22 -0.98 10.47 -5.13
C LYS B 22 -0.92 10.09 -3.65
N ASN B 23 -2.07 9.83 -3.08
CA ASN B 23 -2.18 9.59 -1.65
C ASN B 23 -2.98 8.32 -1.36
N LEU B 24 -4.31 8.38 -1.50
CA LEU B 24 -5.19 7.33 -0.99
C LEU B 24 -5.05 5.98 -1.72
N GLY B 25 -4.81 6.02 -3.02
CA GLY B 25 -4.63 4.83 -3.80
C GLY B 25 -3.18 4.44 -4.10
N ASN B 26 -2.24 5.20 -3.55
CA ASN B 26 -0.83 5.11 -3.91
C ASN B 26 -0.09 4.11 -3.00
N LEU B 27 0.33 2.99 -3.59
CA LEU B 27 1.06 1.91 -2.88
C LEU B 27 2.57 1.97 -3.16
N VAL B 28 2.94 2.71 -4.19
CA VAL B 28 4.34 2.82 -4.61
C VAL B 28 5.16 3.66 -3.62
N THR B 29 4.59 4.79 -3.22
CA THR B 29 5.27 5.72 -2.35
C THR B 29 5.53 5.15 -0.96
N PRO B 30 4.51 4.62 -0.29
CA PRO B 30 4.74 3.87 0.96
C PRO B 30 5.81 2.78 0.85
N ALA B 32 8.34 2.96 -1.29
CA ALA B 32 9.55 3.74 -1.52
C ALA B 32 10.07 4.34 -0.22
N LEU B 33 9.16 4.68 0.69
CA LEU B 33 9.54 5.22 1.99
C LEU B 33 10.13 4.14 2.90
N ARG B 34 9.64 2.91 2.76
CA ARG B 34 10.14 1.79 3.55
C ARG B 34 11.52 1.36 3.05
N VAL B 35 11.73 1.44 1.74
CA VAL B 35 13.02 1.07 1.19
C VAL B 35 14.03 2.13 1.61
N ALA B 36 13.63 3.40 1.54
CA ALA B 36 14.48 4.50 1.97
C ALA B 36 14.89 4.41 3.43
N ALA B 37 13.97 3.99 4.30
CA ALA B 37 14.22 3.85 5.73
C ALA B 37 15.18 2.69 5.97
N THR B 38 15.01 1.62 5.20
CA THR B 38 15.82 0.41 5.33
C THR B 38 17.24 0.57 4.77
N LEU B 39 17.59 1.78 4.32
CA LEU B 39 18.92 2.14 3.85
C LEU B 39 19.37 3.44 4.50
N ARG B 40 18.74 3.78 5.62
CA ARG B 40 19.13 4.90 6.45
C ARG B 40 19.49 6.16 5.63
N LEU B 41 18.79 6.38 4.52
CA LEU B 41 19.19 7.36 3.53
C LEU B 41 19.36 8.74 4.16
N VAL B 42 18.44 9.17 5.00
CA VAL B 42 18.56 10.43 5.73
C VAL B 42 19.75 10.47 6.75
N ASP B 43 20.38 9.32 6.97
CA ASP B 43 21.66 9.19 7.70
C ASP B 43 22.83 8.94 6.73
N HIS B 44 22.77 7.84 5.98
CA HIS B 44 23.81 7.46 5.03
C HIS B 44 24.34 8.62 4.18
N LEU B 45 23.47 9.59 3.88
CA LEU B 45 23.85 10.83 3.20
C LEU B 45 24.73 11.72 4.07
N LEU B 46 24.37 11.77 5.35
CA LEU B 46 25.13 12.52 6.35
C LEU B 46 26.24 11.64 6.91
N ALA B 56 23.82 7.78 -3.10
CA ALA B 56 23.58 6.91 -1.92
C ALA B 56 24.10 5.47 -1.95
N ASP B 57 25.10 5.24 -2.78
CA ASP B 57 25.49 3.86 -3.14
C ASP B 57 26.62 3.51 -2.20
N ARG B 58 26.61 3.71 -0.79
CA ARG B 58 27.40 2.86 0.14
C ARG B 58 26.64 1.66 0.68
N THR B 59 25.63 1.31 -0.31
CA THR B 59 24.42 0.58 0.11
C THR B 59 24.12 -0.80 -0.55
N ASP B 60 25.03 -1.30 -1.38
CA ASP B 60 24.78 -2.53 -2.19
C ASP B 60 23.66 -2.38 -3.21
N THR B 61 23.35 -1.15 -3.61
CA THR B 61 22.21 -0.90 -4.48
C THR B 61 22.63 -0.78 -5.93
N HIS B 62 21.80 -1.28 -6.85
CA HIS B 62 22.01 -1.05 -8.27
C HIS B 62 22.05 0.46 -8.44
N PRO B 63 23.13 0.98 -9.03
CA PRO B 63 23.27 2.43 -9.21
C PRO B 63 22.10 3.10 -9.97
N GLN B 64 21.65 2.55 -11.09
CA GLN B 64 20.54 3.13 -11.85
C GLN B 64 19.24 3.09 -11.06
N ALA B 65 18.91 1.92 -10.53
CA ALA B 65 17.73 1.73 -9.69
C ALA B 65 17.62 2.77 -8.58
N LEU B 66 18.74 3.03 -7.90
CA LEU B 66 18.75 3.95 -6.76
C LEU B 66 18.40 5.37 -7.15
N SER B 67 18.99 5.89 -8.23
CA SER B 67 18.69 7.27 -8.64
C SER B 67 17.23 7.39 -9.09
N ARG B 68 16.71 6.35 -9.72
CA ARG B 68 15.28 6.29 -10.06
C ARG B 68 14.42 6.38 -8.80
N LEU B 69 14.84 5.73 -7.71
CA LEU B 69 14.14 5.80 -6.43
C LEU B 69 14.27 7.18 -5.84
N VAL B 70 15.47 7.73 -5.87
CA VAL B 70 15.76 9.06 -5.33
C VAL B 70 14.95 10.12 -6.07
N ARG B 71 14.78 9.94 -7.36
CA ARG B 71 13.96 10.89 -8.14
C ARG B 71 12.53 10.89 -7.61
N HIS B 72 12.00 9.70 -7.34
CA HIS B 72 10.68 9.62 -6.74
C HIS B 72 10.66 10.20 -5.34
N LEU B 73 11.65 9.86 -4.51
CA LEU B 73 11.69 10.42 -3.15
C LEU B 73 11.80 11.94 -3.17
N THR B 74 12.49 12.47 -4.18
CA THR B 74 12.62 13.93 -4.36
C THR B 74 11.27 14.59 -4.68
N VAL B 75 10.53 14.02 -5.63
CA VAL B 75 9.23 14.57 -6.05
C VAL B 75 8.16 14.57 -4.94
N VAL B 76 8.20 13.59 -4.04
CA VAL B 76 7.16 13.52 -2.98
C VAL B 76 7.54 14.23 -1.65
N GLY B 77 8.61 15.01 -1.67
CA GLY B 77 8.97 15.90 -0.57
C GLY B 77 9.83 15.30 0.54
N VAL B 78 10.63 14.29 0.20
CA VAL B 78 11.47 13.57 1.17
C VAL B 78 12.94 14.00 1.01
N LEU B 79 13.36 14.25 -0.22
CA LEU B 79 14.69 14.80 -0.50
C LEU B 79 14.61 16.04 -1.40
N GLU B 80 15.75 16.72 -1.53
CA GLU B 80 16.02 17.64 -2.65
C GLU B 80 17.49 17.52 -3.11
N GLY B 81 17.86 18.31 -4.12
CA GLY B 81 19.25 18.40 -4.57
C GLY B 81 19.51 17.55 -5.79
N GLY B 82 20.67 16.90 -5.84
CA GLY B 82 21.07 16.11 -7.00
C GLY B 82 21.56 16.98 -8.14
N GLU B 83 21.99 16.35 -9.24
CA GLU B 83 22.68 17.02 -10.34
C GLU B 83 21.91 18.23 -10.87
N ARG B 87 21.29 22.81 -4.40
CA ARG B 87 22.13 22.03 -5.31
C ARG B 87 22.48 20.63 -4.76
N PRO B 88 22.98 20.52 -3.53
CA PRO B 88 23.44 19.22 -3.01
C PRO B 88 22.30 18.38 -2.43
N LEU B 89 22.44 17.06 -2.54
CA LEU B 89 21.38 16.10 -2.16
C LEU B 89 21.24 16.00 -0.64
N ARG B 90 20.21 16.64 -0.10
CA ARG B 90 19.96 16.72 1.32
C ARG B 90 18.47 16.45 1.60
N PRO B 91 18.16 15.65 2.62
CA PRO B 91 16.78 15.55 3.13
C PRO B 91 16.10 16.91 3.34
N THR B 92 14.78 16.93 3.30
CA THR B 92 14.04 18.15 3.58
C THR B 92 13.71 18.13 5.06
N ARG B 93 12.96 19.12 5.52
CA ARG B 93 12.44 19.14 6.88
C ARG B 93 11.66 17.84 7.16
N LEU B 94 10.70 17.56 6.29
CA LEU B 94 9.95 16.31 6.30
C LEU B 94 10.88 15.10 6.24
N GLY B 95 11.87 15.15 5.37
CA GLY B 95 12.82 14.07 5.21
C GLY B 95 13.53 13.67 6.50
N LEU B 97 12.42 13.02 9.27
CA LEU B 97 11.67 12.05 10.06
C LEU B 97 12.23 10.64 9.97
N LEU B 98 13.06 10.37 8.96
CA LEU B 98 13.78 9.11 8.86
C LEU B 98 15.19 9.23 9.44
N ALA B 99 15.44 10.29 10.21
CA ALA B 99 16.70 10.46 10.93
C ALA B 99 16.65 9.52 12.12
N ASP B 100 17.67 8.68 12.26
CA ASP B 100 17.69 7.68 13.31
C ASP B 100 17.25 8.26 14.66
N GLY B 101 17.89 9.37 15.06
CA GLY B 101 17.69 9.95 16.38
C GLY B 101 16.44 10.78 16.63
N HIS B 102 15.58 10.97 15.63
CA HIS B 102 14.30 11.66 15.84
C HIS B 102 13.40 10.88 16.81
N PRO B 103 12.75 11.59 17.75
CA PRO B 103 11.93 10.93 18.79
C PRO B 103 10.56 10.38 18.34
N ALA B 104 10.25 10.38 17.05
CA ALA B 104 9.06 9.69 16.55
C ALA B 104 9.44 8.30 16.06
N GLN B 105 10.73 8.10 15.77
CA GLN B 105 11.30 6.81 15.39
C GLN B 105 10.68 6.19 14.15
N GLN B 106 10.11 7.03 13.29
CA GLN B 106 9.45 6.55 12.09
C GLN B 106 10.39 5.76 11.19
N ARG B 107 11.70 5.98 11.31
CA ARG B 107 12.68 5.23 10.52
C ARG B 107 12.64 3.73 10.86
N ALA B 108 12.52 3.43 12.15
CA ALA B 108 12.46 2.05 12.61
C ALA B 108 11.10 1.44 12.35
N TRP B 109 10.06 2.23 12.47
CA TRP B 109 8.70 1.76 12.18
C TRP B 109 8.62 1.29 10.74
N LEU B 110 9.29 2.03 9.86
CA LEU B 110 9.23 1.78 8.42
C LEU B 110 10.25 0.75 7.97
N ASP B 111 11.30 0.54 8.78
CA ASP B 111 12.37 -0.40 8.41
C ASP B 111 11.83 -1.81 8.18
N LEU B 112 12.20 -2.39 7.03
CA LEU B 112 11.59 -3.63 6.51
C LEU B 112 12.09 -4.92 7.18
N ASN B 113 13.17 -4.80 7.96
CA ASN B 113 13.61 -5.91 8.81
C ASN B 113 12.91 -5.86 10.18
N GLY B 114 12.52 -4.66 10.61
CA GLY B 114 11.65 -4.48 11.77
C GLY B 114 10.33 -5.25 11.64
N ALA B 115 9.70 -5.53 12.77
CA ALA B 115 8.56 -6.45 12.81
C ALA B 115 7.26 -5.85 12.31
N VAL B 116 7.08 -4.54 12.48
CA VAL B 116 5.86 -3.86 12.07
C VAL B 116 5.79 -3.70 10.54
N SER B 117 6.84 -3.12 9.98
CA SER B 117 6.97 -2.99 8.52
C SER B 117 6.89 -4.33 7.83
N HIS B 118 7.57 -5.31 8.41
CA HIS B 118 7.47 -6.69 7.94
C HIS B 118 6.02 -7.15 7.91
N ALA B 119 5.29 -6.90 9.00
CA ALA B 119 3.89 -7.28 9.08
C ALA B 119 3.05 -6.51 8.06
N ASP B 120 3.32 -5.22 7.92
CA ASP B 120 2.61 -4.35 6.97
C ASP B 120 2.50 -4.95 5.56
N LEU B 121 3.54 -5.62 5.10
CA LEU B 121 3.53 -6.22 3.75
C LEU B 121 2.41 -7.25 3.52
N ALA B 122 1.98 -7.90 4.59
CA ALA B 122 0.81 -8.78 4.55
C ALA B 122 -0.52 -8.10 4.19
N PHE B 123 -0.57 -6.77 4.18
CA PHE B 123 -1.76 -6.03 3.67
C PHE B 123 -2.13 -6.30 2.21
N THR B 124 -1.19 -6.85 1.43
CA THR B 124 -1.49 -7.20 0.04
C THR B 124 -2.45 -8.40 0.01
N GLY B 125 -2.57 -9.09 1.12
CA GLY B 125 -3.61 -10.12 1.27
C GLY B 125 -4.90 -9.61 1.88
N LEU B 126 -5.17 -8.30 1.80
CA LEU B 126 -6.31 -7.70 2.49
C LEU B 126 -7.63 -8.18 1.92
N LEU B 127 -7.64 -8.60 0.65
CA LEU B 127 -8.88 -9.05 0.03
C LEU B 127 -9.48 -10.25 0.74
N ASP B 128 -8.65 -11.24 1.03
CA ASP B 128 -9.08 -12.45 1.71
C ASP B 128 -9.45 -12.12 3.13
N VAL B 129 -8.66 -11.24 3.73
CA VAL B 129 -8.90 -10.77 5.09
C VAL B 129 -10.33 -10.26 5.23
N VAL B 130 -10.78 -9.46 4.28
CA VAL B 130 -12.12 -8.89 4.33
C VAL B 130 -13.20 -9.90 3.91
N ARG B 131 -12.86 -10.85 3.05
CA ARG B 131 -13.79 -11.90 2.66
C ARG B 131 -14.16 -12.83 3.83
N THR B 132 -13.26 -12.99 4.78
CA THR B 132 -13.30 -14.10 5.75
C THR B 132 -13.11 -13.73 7.22
N GLY B 133 -12.54 -12.57 7.52
CA GLY B 133 -12.19 -12.19 8.89
C GLY B 133 -10.84 -12.70 9.38
N ARG B 134 -10.21 -13.54 8.58
CA ARG B 134 -8.99 -14.22 8.98
C ARG B 134 -7.73 -13.38 8.74
N PRO B 135 -6.73 -13.51 9.61
CA PRO B 135 -5.45 -12.80 9.42
C PRO B 135 -4.65 -13.27 8.20
N ALA B 136 -3.77 -12.40 7.69
CA ALA B 136 -3.00 -12.61 6.47
C ALA B 136 -1.55 -12.94 6.79
N TYR B 137 -1.17 -12.77 8.05
CA TYR B 137 0.24 -12.82 8.40
C TYR B 137 0.80 -14.22 8.11
N ALA B 138 0.05 -15.25 8.51
CA ALA B 138 0.44 -16.63 8.27
C ALA B 138 0.60 -16.92 6.77
N GLY B 139 -0.38 -16.49 5.96
CA GLY B 139 -0.33 -16.68 4.52
C GLY B 139 0.93 -16.15 3.84
N ARG B 140 1.53 -15.10 4.37
CA ARG B 140 2.73 -14.54 3.77
C ARG B 140 4.06 -15.10 4.30
N TYR B 141 4.09 -15.45 5.59
CA TYR B 141 5.36 -15.72 6.28
C TYR B 141 5.52 -17.11 6.93
N GLY B 142 4.45 -17.91 6.94
CA GLY B 142 4.50 -19.26 7.49
C GLY B 142 3.86 -19.39 8.86
N ARG B 143 4.32 -18.61 9.84
CA ARG B 143 3.80 -18.70 11.20
C ARG B 143 2.90 -17.49 11.52
N PRO B 144 1.91 -17.70 12.38
CA PRO B 144 1.11 -16.58 12.87
C PRO B 144 2.00 -15.67 13.74
N PHE B 145 1.57 -14.43 13.95
CA PHE B 145 2.44 -13.36 14.43
C PHE B 145 3.28 -13.71 15.66
N TRP B 146 2.64 -14.11 16.76
CA TRP B 146 3.38 -14.30 18.02
C TRP B 146 4.37 -15.46 17.92
N GLU B 147 3.96 -16.56 17.30
CA GLU B 147 4.86 -17.68 17.05
C GLU B 147 6.08 -17.28 16.21
N ASP B 148 5.88 -16.35 15.28
CA ASP B 148 6.93 -15.88 14.40
C ASP B 148 7.95 -15.04 15.18
N LEU B 149 7.47 -14.22 16.12
CA LEU B 149 8.38 -13.38 16.90
C LEU B 149 9.28 -14.23 17.82
N SER B 150 8.72 -15.31 18.39
CA SER B 150 9.46 -16.15 19.33
C SER B 150 10.45 -17.14 18.67
N ALA B 151 10.24 -17.44 17.39
CA ALA B 151 11.15 -18.34 16.64
C ALA B 151 12.21 -17.56 15.86
N ASP B 152 12.00 -16.25 15.71
CA ASP B 152 12.92 -15.36 15.01
C ASP B 152 13.34 -14.25 15.95
N VAL B 153 14.61 -14.28 16.35
CA VAL B 153 15.14 -13.39 17.37
C VAL B 153 15.10 -11.92 16.94
N ALA B 154 15.36 -11.66 15.65
CA ALA B 154 15.48 -10.28 15.16
C ALA B 154 14.15 -9.53 15.14
N LEU B 155 13.05 -10.21 14.81
CA LEU B 155 11.73 -9.57 14.80
C LEU B 155 11.25 -9.30 16.23
N ALA B 156 11.56 -10.20 17.16
CA ALA B 156 11.22 -10.01 18.55
C ALA B 156 11.89 -8.75 19.10
N ASP B 157 13.19 -8.61 18.80
CA ASP B 157 13.99 -7.50 19.32
C ASP B 157 13.51 -6.16 18.77
N SER B 158 13.26 -6.12 17.47
CA SER B 158 12.78 -4.90 16.82
C SER B 158 11.36 -4.50 17.27
N PHE B 159 10.45 -5.46 17.38
CA PHE B 159 9.11 -5.18 17.91
C PHE B 159 9.21 -4.61 19.33
N ASP B 160 10.15 -5.16 20.09
CA ASP B 160 10.37 -4.80 21.48
C ASP B 160 10.83 -3.34 21.57
N ALA B 161 11.80 -3.00 20.73
CA ALA B 161 12.34 -1.65 20.67
C ALA B 161 11.31 -0.63 20.26
N LEU B 162 10.34 -1.04 19.42
CA LEU B 162 9.32 -0.12 18.91
C LEU B 162 8.22 0.17 19.93
N SER B 164 8.67 0.39 23.21
CA SER B 164 9.37 0.74 24.46
C SER B 164 9.37 2.25 24.68
N GLU B 172 4.78 7.06 31.60
CA GLU B 172 4.38 7.03 33.01
C GLU B 172 2.90 6.63 33.17
N ALA B 173 2.19 6.53 32.05
CA ALA B 173 0.74 6.32 31.99
C ALA B 173 0.04 5.60 33.14
N PRO B 174 0.33 4.32 33.41
CA PRO B 174 -0.31 3.62 34.55
C PRO B 174 0.33 3.89 35.93
N ALA B 175 1.65 3.73 36.03
CA ALA B 175 2.38 4.03 37.28
C ALA B 175 2.07 5.43 37.86
N ASP B 176 1.75 6.37 36.99
CA ASP B 176 1.50 7.77 37.36
C ASP B 176 0.02 8.06 37.52
N ALA B 177 -0.82 7.42 36.69
CA ALA B 177 -2.26 7.70 36.70
C ALA B 177 -3.04 7.13 37.91
N TYR B 178 -2.42 6.21 38.66
CA TYR B 178 -3.19 5.35 39.55
C TYR B 178 -2.66 5.36 40.99
N ASP B 179 -3.58 5.42 41.96
CA ASP B 179 -3.24 5.39 43.38
C ASP B 179 -2.90 3.98 43.88
N TRP B 180 -1.61 3.69 43.85
CA TRP B 180 -1.08 2.40 44.25
C TRP B 180 -1.02 2.17 45.76
N SER B 181 -1.13 3.25 46.57
CA SER B 181 -1.22 3.12 48.05
C SER B 181 -2.28 2.11 48.56
N ALA B 182 -3.43 2.02 47.90
CA ALA B 182 -4.49 1.08 48.29
C ALA B 182 -4.41 -0.26 47.54
N VAL B 183 -3.21 -0.66 47.13
CA VAL B 183 -2.98 -1.87 46.32
C VAL B 183 -1.77 -2.60 46.89
N ARG B 184 -1.78 -3.94 46.92
CA ARG B 184 -0.62 -4.71 47.42
C ARG B 184 -0.03 -5.63 46.39
N HIS B 185 -0.83 -6.03 45.42
CA HIS B 185 -0.41 -7.10 44.51
C HIS B 185 -1.04 -6.87 43.14
N VAL B 186 -0.17 -6.72 42.16
CA VAL B 186 -0.52 -6.42 40.78
C VAL B 186 -0.12 -7.60 39.92
N LEU B 187 -1.07 -8.09 39.15
CA LEU B 187 -0.83 -9.23 38.27
C LEU B 187 -0.96 -8.65 36.88
N ASP B 188 0.14 -8.65 36.14
CA ASP B 188 0.14 -8.13 34.78
C ASP B 188 0.02 -9.28 33.78
N VAL B 189 -1.12 -9.37 33.12
CA VAL B 189 -1.40 -10.45 32.19
C VAL B 189 -1.06 -10.05 30.74
N GLY B 190 -0.16 -10.82 30.13
CA GLY B 190 0.40 -10.47 28.85
C GLY B 190 1.20 -9.19 28.93
N GLY B 191 1.99 -9.04 29.99
CA GLY B 191 2.67 -7.79 30.30
C GLY B 191 4.01 -7.56 29.63
N GLY B 192 4.31 -8.35 28.59
CA GLY B 192 5.48 -8.14 27.75
C GLY B 192 6.82 -8.31 28.45
N ASN B 193 7.80 -7.48 28.10
CA ASN B 193 9.11 -7.58 28.74
C ASN B 193 9.16 -7.07 30.18
N GLY B 194 7.99 -6.79 30.76
CA GLY B 194 7.92 -6.40 32.16
C GLY B 194 8.11 -4.92 32.41
N GLY B 195 8.14 -4.10 31.36
CA GLY B 195 8.51 -2.70 31.51
C GLY B 195 7.56 -1.91 32.38
N LEU B 197 5.30 -3.22 34.58
CA LEU B 197 5.21 -3.76 35.94
C LEU B 197 6.41 -3.35 36.73
N ALA B 198 7.58 -3.36 36.09
CA ALA B 198 8.79 -2.87 36.71
C ALA B 198 8.59 -1.45 37.22
N ALA B 199 8.03 -0.59 36.36
CA ALA B 199 7.86 0.83 36.68
C ALA B 199 6.83 1.09 37.78
N ILE B 200 5.71 0.35 37.79
CA ILE B 200 4.72 0.47 38.86
C ILE B 200 5.40 0.07 40.16
N ALA B 201 6.16 -1.02 40.10
CA ALA B 201 6.82 -1.55 41.28
C ALA B 201 7.94 -0.62 41.75
N LEU B 202 8.77 -0.11 40.84
CA LEU B 202 9.80 0.86 41.23
C LEU B 202 9.21 2.11 41.86
N ARG B 203 8.09 2.59 41.36
CA ARG B 203 7.44 3.79 41.91
C ARG B 203 6.85 3.56 43.30
N ALA B 204 6.37 2.35 43.54
CA ALA B 204 5.69 2.01 44.79
C ALA B 204 6.37 0.81 45.43
N PRO B 205 7.37 1.07 46.29
CA PRO B 205 8.16 0.02 46.97
C PRO B 205 7.40 -1.06 47.75
N HIS B 206 6.21 -0.75 48.24
CA HIS B 206 5.42 -1.69 49.04
C HIS B 206 4.77 -2.85 48.22
N LEU B 207 4.72 -2.73 46.90
CA LEU B 207 3.93 -3.66 46.07
C LEU B 207 4.61 -4.97 45.74
N ARG B 208 3.80 -6.02 45.59
CA ARG B 208 4.25 -7.24 44.94
C ARG B 208 3.69 -7.23 43.53
N GLY B 209 4.40 -7.86 42.61
CA GLY B 209 3.91 -8.08 41.26
C GLY B 209 4.17 -9.49 40.76
N THR B 210 3.30 -9.94 39.86
CA THR B 210 3.44 -11.19 39.14
C THR B 210 3.11 -10.96 37.66
N LEU B 211 3.93 -11.51 36.77
CA LEU B 211 3.76 -11.31 35.32
C LEU B 211 3.42 -12.64 34.68
N VAL B 212 2.41 -12.66 33.84
CA VAL B 212 2.08 -13.85 33.08
C VAL B 212 2.38 -13.57 31.60
N GLU B 213 3.28 -14.35 31.01
CA GLU B 213 3.72 -14.16 29.64
C GLU B 213 4.20 -15.46 28.99
N LEU B 214 4.20 -15.48 27.66
CA LEU B 214 4.89 -16.50 26.86
C LEU B 214 6.37 -16.52 27.20
N ALA B 215 7.07 -17.56 26.74
CA ALA B 215 8.50 -17.78 27.08
C ALA B 215 9.43 -16.62 26.71
N GLY B 216 9.34 -16.15 25.47
CA GLY B 216 10.26 -15.12 25.00
C GLY B 216 10.21 -13.89 25.87
N PRO B 217 9.07 -13.21 25.92
CA PRO B 217 8.95 -12.01 26.76
C PRO B 217 9.12 -12.29 28.26
N ALA B 218 8.82 -13.51 28.71
CA ALA B 218 8.99 -13.88 30.12
C ALA B 218 10.44 -13.79 30.54
N GLU B 219 11.35 -14.26 29.68
CA GLU B 219 12.78 -14.28 29.96
C GLU B 219 13.38 -12.88 29.99
N ARG B 220 12.95 -12.00 29.09
CA ARG B 220 13.31 -10.59 29.17
C ARG B 220 12.81 -10.00 30.50
N ALA B 221 11.64 -10.45 30.96
CA ALA B 221 11.07 -9.99 32.23
C ALA B 221 11.96 -10.34 33.42
N ARG B 222 12.41 -11.59 33.47
CA ARG B 222 13.30 -12.05 34.54
C ARG B 222 14.58 -11.21 34.60
N ARG B 223 15.14 -10.88 33.43
CA ARG B 223 16.40 -10.15 33.37
C ARG B 223 16.22 -8.71 33.83
N ARG B 224 15.09 -8.11 33.47
CA ARG B 224 14.78 -6.74 33.82
C ARG B 224 14.48 -6.61 35.32
N PHE B 225 13.72 -7.56 35.86
CA PHE B 225 13.39 -7.60 37.28
C PHE B 225 14.63 -7.78 38.14
N ALA B 226 15.51 -8.69 37.73
CA ALA B 226 16.77 -8.94 38.44
C ALA B 226 17.72 -7.73 38.42
N ASP B 227 17.87 -7.08 37.28
CA ASP B 227 18.73 -5.89 37.16
C ASP B 227 18.14 -4.62 37.78
N ALA B 228 16.83 -4.64 38.04
CA ALA B 228 16.18 -3.51 38.74
C ALA B 228 16.15 -3.75 40.26
N GLY B 229 16.59 -4.95 40.69
CA GLY B 229 16.57 -5.35 42.09
C GLY B 229 15.14 -5.48 42.60
N LEU B 230 14.33 -6.24 41.88
CA LEU B 230 12.92 -6.42 42.17
C LEU B 230 12.56 -7.89 42.32
N ALA B 231 13.51 -8.79 42.17
CA ALA B 231 13.21 -10.22 42.18
C ALA B 231 12.62 -10.69 43.52
N ASP B 232 12.88 -9.93 44.58
CA ASP B 232 12.34 -10.24 45.92
C ASP B 232 10.83 -10.02 46.05
N ARG B 233 10.23 -9.22 45.17
CA ARG B 233 8.80 -8.93 45.26
C ARG B 233 8.03 -8.96 43.92
N VAL B 234 8.74 -9.15 42.82
CA VAL B 234 8.16 -9.13 41.48
C VAL B 234 8.63 -10.37 40.73
N THR B 235 7.71 -11.31 40.50
CA THR B 235 8.02 -12.63 39.92
C THR B 235 7.42 -12.84 38.53
N VAL B 236 7.95 -13.82 37.81
CA VAL B 236 7.48 -14.19 36.48
C VAL B 236 6.87 -15.58 36.55
N ALA B 237 5.62 -15.71 36.14
CA ALA B 237 4.92 -17.00 36.01
C ALA B 237 4.60 -17.30 34.54
N GLU B 238 5.60 -17.85 33.84
CA GLU B 238 5.45 -18.26 32.45
C GLU B 238 4.18 -19.09 32.28
N GLY B 239 3.49 -18.89 31.16
CA GLY B 239 2.19 -19.52 30.97
C GLY B 239 1.35 -18.97 29.84
N ASP B 240 0.08 -19.35 29.86
CA ASP B 240 -0.83 -19.13 28.75
C ASP B 240 -2.09 -18.55 29.34
N PHE B 241 -2.41 -17.30 29.02
CA PHE B 241 -3.57 -16.63 29.64
C PHE B 241 -4.96 -17.14 29.22
N PHE B 242 -5.01 -18.08 28.28
CA PHE B 242 -6.24 -18.87 27.99
C PHE B 242 -6.44 -19.97 29.03
N LYS B 243 -5.37 -20.37 29.70
CA LYS B 243 -5.47 -21.26 30.86
C LYS B 243 -5.71 -20.43 32.12
N PRO B 244 -6.23 -21.02 33.19
CA PRO B 244 -6.50 -20.27 34.42
C PRO B 244 -5.23 -19.61 34.93
N LEU B 245 -5.38 -18.41 35.47
CA LEU B 245 -4.21 -17.64 35.90
C LEU B 245 -3.62 -18.25 37.19
N PRO B 246 -2.30 -18.28 37.33
CA PRO B 246 -1.67 -19.01 38.44
C PRO B 246 -1.89 -18.37 39.82
N VAL B 247 -2.16 -17.07 39.88
CA VAL B 247 -2.27 -16.37 41.16
C VAL B 247 -3.49 -15.50 41.20
N THR B 248 -3.93 -15.14 42.42
CA THR B 248 -4.86 -14.02 42.61
C THR B 248 -4.12 -12.71 42.92
N ALA B 249 -4.86 -11.62 42.88
CA ALA B 249 -4.31 -10.28 43.07
C ALA B 249 -5.43 -9.26 43.18
N ASP B 250 -5.13 -8.17 43.85
CA ASP B 250 -6.15 -7.14 44.06
C ASP B 250 -6.17 -6.12 42.92
N VAL B 251 -5.16 -6.15 42.07
CA VAL B 251 -5.19 -5.43 40.80
C VAL B 251 -4.69 -6.33 39.67
N VAL B 252 -5.45 -6.41 38.59
CA VAL B 252 -5.03 -7.15 37.39
C VAL B 252 -4.93 -6.18 36.23
N LEU B 253 -3.90 -6.35 35.42
CA LEU B 253 -3.57 -5.46 34.33
C LEU B 253 -3.74 -6.16 32.99
N LEU B 254 -4.53 -5.59 32.09
CA LEU B 254 -4.53 -5.99 30.68
C LEU B 254 -4.13 -4.77 29.87
N SER B 255 -2.84 -4.67 29.56
CA SER B 255 -2.31 -3.55 28.80
C SER B 255 -2.03 -3.93 27.34
N PHE B 256 -2.79 -3.31 26.43
CA PHE B 256 -2.73 -3.58 25.01
C PHE B 256 -2.66 -5.07 24.71
N VAL B 257 -3.60 -5.79 25.32
CA VAL B 257 -3.79 -7.20 25.07
C VAL B 257 -5.11 -7.47 24.36
N LEU B 258 -6.19 -6.85 24.82
CA LEU B 258 -7.51 -7.21 24.28
C LEU B 258 -7.60 -6.95 22.78
N LEU B 259 -6.95 -5.92 22.29
CA LEU B 259 -7.03 -5.56 20.88
C LEU B 259 -6.40 -6.62 19.96
N ASN B 260 -5.52 -7.46 20.50
CA ASN B 260 -4.92 -8.59 19.74
C ASN B 260 -5.87 -9.73 19.43
N TRP B 261 -7.04 -9.75 20.06
CA TRP B 261 -7.87 -10.93 20.02
C TRP B 261 -9.28 -10.62 19.53
N SER B 262 -9.95 -11.66 19.06
CA SER B 262 -11.34 -11.57 18.63
C SER B 262 -12.21 -11.53 19.86
N ASP B 263 -13.49 -11.27 19.66
CA ASP B 263 -14.43 -11.17 20.77
C ASP B 263 -14.44 -12.41 21.65
N GLU B 264 -14.62 -13.57 21.06
CA GLU B 264 -14.64 -14.80 21.82
C GLU B 264 -13.32 -15.03 22.61
N ASP B 265 -12.17 -14.77 22.01
CA ASP B 265 -10.88 -14.97 22.68
C ASP B 265 -10.64 -13.93 23.80
N ALA B 266 -11.09 -12.70 23.57
CA ALA B 266 -10.93 -11.62 24.55
C ALA B 266 -11.89 -11.86 25.69
N LEU B 267 -13.02 -12.49 25.39
CA LEU B 267 -13.99 -12.86 26.40
C LEU B 267 -13.41 -13.88 27.37
N THR B 268 -12.66 -14.87 26.87
CA THR B 268 -12.11 -15.88 27.77
C THR B 268 -10.88 -15.37 28.56
N ILE B 269 -10.11 -14.42 28.01
CA ILE B 269 -9.04 -13.77 28.75
C ILE B 269 -9.63 -12.97 29.93
N LEU B 270 -10.64 -12.17 29.62
CA LEU B 270 -11.38 -11.41 30.64
C LEU B 270 -11.89 -12.33 31.74
N ARG B 271 -12.58 -13.39 31.35
CA ARG B 271 -13.14 -14.32 32.32
C ARG B 271 -12.07 -14.96 33.22
N GLY B 272 -10.91 -15.24 32.66
CA GLY B 272 -9.79 -15.72 33.45
C GLY B 272 -9.31 -14.65 34.42
N CYS B 273 -9.33 -13.39 33.97
CA CYS B 273 -8.95 -12.25 34.82
C CYS B 273 -9.90 -12.06 36.01
N VAL B 274 -11.20 -12.21 35.76
CA VAL B 274 -12.21 -12.12 36.81
C VAL B 274 -11.97 -13.15 37.92
N ARG B 275 -11.73 -14.40 37.53
CA ARG B 275 -11.48 -15.46 38.50
C ARG B 275 -10.33 -15.08 39.43
N ALA B 276 -9.26 -14.53 38.85
CA ALA B 276 -8.03 -14.19 39.57
C ALA B 276 -8.16 -12.96 40.48
N LEU B 277 -9.28 -12.27 40.42
CA LEU B 277 -9.50 -11.03 41.15
C LEU B 277 -9.91 -11.29 42.60
N GLU B 278 -9.05 -10.89 43.53
CA GLU B 278 -9.41 -10.86 44.94
C GLU B 278 -10.65 -9.99 45.20
N PRO B 279 -11.36 -10.24 46.31
CA PRO B 279 -12.55 -9.45 46.68
C PRO B 279 -12.24 -7.94 46.63
N GLY B 280 -13.15 -7.15 46.06
CA GLY B 280 -12.93 -5.73 45.83
C GLY B 280 -11.77 -5.43 44.88
N GLY B 281 -11.31 -6.44 44.15
CA GLY B 281 -10.17 -6.28 43.26
C GLY B 281 -10.57 -5.44 42.07
N ARG B 282 -9.59 -4.88 41.37
CA ARG B 282 -9.86 -4.03 40.21
C ARG B 282 -9.09 -4.51 38.98
N LEU B 283 -9.79 -4.56 37.85
CA LEU B 283 -9.17 -4.86 36.56
C LEU B 283 -8.89 -3.55 35.84
N LEU B 284 -7.67 -3.40 35.38
CA LEU B 284 -7.27 -2.20 34.65
C LEU B 284 -7.02 -2.58 33.21
N VAL B 285 -7.88 -2.11 32.31
CA VAL B 285 -7.67 -2.26 30.87
C VAL B 285 -7.02 -1.02 30.27
N LEU B 286 -5.75 -1.13 29.87
CA LEU B 286 -5.08 -0.10 29.07
C LEU B 286 -5.25 -0.49 27.60
N ASP B 287 -5.90 0.35 26.81
CA ASP B 287 -6.16 0.09 25.39
C ASP B 287 -6.66 1.35 24.68
N ARG B 288 -6.73 1.30 23.36
CA ARG B 288 -7.44 2.31 22.59
C ARG B 288 -8.94 2.10 22.72
N ALA B 289 -9.63 3.10 23.22
CA ALA B 289 -11.04 2.96 23.55
C ALA B 289 -11.73 4.28 23.29
N ASP B 290 -12.07 4.51 22.03
CA ASP B 290 -12.65 5.76 21.59
C ASP B 290 -14.02 6.02 22.22
N VAL B 291 -14.31 7.29 22.42
CA VAL B 291 -15.55 7.78 23.03
C VAL B 291 -16.14 8.82 22.08
N GLU B 292 -17.47 8.91 22.03
CA GLU B 292 -18.15 9.89 21.15
C GLU B 292 -17.32 11.15 20.78
N GLY B 293 -17.14 12.08 21.73
CA GLY B 293 -16.48 13.37 21.44
C GLY B 293 -15.04 13.43 21.88
N ASP B 294 -14.43 12.25 21.94
CA ASP B 294 -13.02 12.03 22.30
C ASP B 294 -12.07 13.11 21.84
N GLY B 295 -12.23 13.55 20.58
CA GLY B 295 -11.21 14.36 19.92
C GLY B 295 -10.05 13.53 19.36
N ALA B 296 -10.09 12.21 19.54
CA ALA B 296 -9.00 11.36 19.07
C ALA B 296 -9.14 11.11 17.56
N ASP B 297 -8.02 11.16 16.86
CA ASP B 297 -8.00 10.96 15.41
C ASP B 297 -8.42 9.53 15.06
N ARG B 298 -9.56 9.40 14.38
CA ARG B 298 -10.12 8.12 14.02
C ARG B 298 -9.30 7.44 12.94
N PHE B 299 -8.46 8.21 12.25
CA PHE B 299 -7.57 7.61 11.26
C PHE B 299 -6.71 6.53 11.93
N PHE B 300 -6.09 6.90 13.05
CA PHE B 300 -5.22 5.99 13.79
C PHE B 300 -5.98 4.90 14.49
N SER B 301 -7.25 5.14 14.81
CA SER B 301 -8.12 4.09 15.35
C SER B 301 -8.39 3.01 14.32
N THR B 302 -8.76 3.43 13.10
CA THR B 302 -9.08 2.47 12.05
C THR B 302 -7.81 1.83 11.51
N LEU B 303 -6.69 2.55 11.58
CA LEU B 303 -5.44 2.03 11.06
C LEU B 303 -5.00 0.90 11.96
N LEU B 304 -4.94 1.17 13.26
CA LEU B 304 -4.60 0.16 14.23
C LEU B 304 -5.57 -1.00 14.11
N ASP B 305 -6.84 -0.69 13.90
CA ASP B 305 -7.86 -1.71 13.79
C ASP B 305 -7.63 -2.67 12.62
N LEU B 306 -7.23 -2.13 11.47
CA LEU B 306 -7.04 -2.94 10.29
C LEU B 306 -5.73 -3.72 10.45
N ARG B 307 -4.76 -3.12 11.12
CA ARG B 307 -3.52 -3.82 11.46
C ARG B 307 -3.82 -5.05 12.33
N LEU B 309 -6.61 -6.67 12.65
CA LEU B 309 -7.37 -7.63 11.86
C LEU B 309 -6.42 -8.42 10.94
N THR B 310 -5.51 -7.71 10.30
CA THR B 310 -4.66 -8.25 9.25
C THR B 310 -3.54 -9.10 9.82
N PHE B 311 -2.88 -8.59 10.87
CA PHE B 311 -1.75 -9.28 11.51
C PHE B 311 -2.15 -10.51 12.33
N GLY B 313 -5.98 -11.15 13.49
CA GLY B 313 -7.41 -11.27 13.71
C GLY B 313 -7.94 -10.66 15.00
N GLY B 314 -7.23 -9.68 15.55
CA GLY B 314 -7.68 -8.92 16.71
C GLY B 314 -8.56 -7.77 16.29
N ARG B 315 -8.98 -6.93 17.24
CA ARG B 315 -9.72 -5.72 16.91
C ARG B 315 -9.64 -4.61 17.94
N VAL B 316 -9.49 -3.39 17.44
CA VAL B 316 -9.58 -2.20 18.26
C VAL B 316 -11.03 -2.08 18.62
N ARG B 317 -11.31 -1.77 19.88
CA ARG B 317 -12.69 -1.67 20.36
C ARG B 317 -12.89 -0.29 20.96
N THR B 318 -14.12 0.24 20.85
CA THR B 318 -14.46 1.51 21.51
C THR B 318 -14.70 1.27 22.99
N ARG B 319 -14.83 2.37 23.74
CA ARG B 319 -15.18 2.34 25.16
C ARG B 319 -16.41 1.50 25.39
N ASP B 320 -17.51 1.86 24.71
CA ASP B 320 -18.77 1.12 24.88
C ASP B 320 -18.63 -0.38 24.55
N GLU B 321 -17.84 -0.73 23.54
CA GLU B 321 -17.72 -2.15 23.17
C GLU B 321 -16.92 -2.93 24.22
N VAL B 322 -15.92 -2.29 24.80
CA VAL B 322 -15.11 -2.92 25.84
C VAL B 322 -15.98 -3.14 27.08
N VAL B 323 -16.69 -2.09 27.47
CA VAL B 323 -17.61 -2.13 28.60
C VAL B 323 -18.59 -3.27 28.45
N ASP B 324 -19.13 -3.44 27.25
CA ASP B 324 -20.11 -4.48 26.97
C ASP B 324 -19.51 -5.90 26.99
N LEU B 325 -18.30 -6.05 26.46
CA LEU B 325 -17.60 -7.33 26.58
C LEU B 325 -17.25 -7.65 28.05
N ALA B 326 -16.90 -6.61 28.82
CA ALA B 326 -16.55 -6.79 30.24
C ALA B 326 -17.78 -7.19 31.03
N GLY B 327 -18.94 -6.56 30.72
CA GLY B 327 -20.23 -6.96 31.27
C GLY B 327 -20.54 -8.44 31.06
N SER B 328 -20.27 -8.94 29.86
CA SER B 328 -20.52 -10.36 29.57
C SER B 328 -19.67 -11.27 30.47
N ALA B 329 -18.49 -10.77 30.85
CA ALA B 329 -17.58 -11.48 31.75
C ALA B 329 -17.83 -11.18 33.23
N GLY B 330 -18.84 -10.39 33.54
CA GLY B 330 -19.23 -10.14 34.93
C GLY B 330 -18.49 -8.98 35.58
N LEU B 331 -18.24 -7.92 34.81
CA LEU B 331 -17.47 -6.75 35.26
C LEU B 331 -18.23 -5.47 34.95
N ALA B 332 -18.20 -4.51 35.88
CA ALA B 332 -18.82 -3.21 35.67
C ALA B 332 -17.79 -2.10 35.75
N LEU B 333 -17.97 -1.06 34.93
CA LEU B 333 -17.08 0.08 34.92
C LEU B 333 -17.19 0.91 36.22
N ALA B 334 -16.05 1.23 36.81
CA ALA B 334 -15.99 2.07 38.01
C ALA B 334 -15.40 3.44 37.71
N SER B 335 -14.39 3.50 36.83
CA SER B 335 -13.76 4.78 36.43
C SER B 335 -13.07 4.76 35.04
N GLU B 336 -12.79 5.98 34.55
CA GLU B 336 -12.23 6.21 33.21
C GLU B 336 -11.22 7.35 33.22
N ARG B 337 -10.06 7.12 32.62
CA ARG B 337 -9.08 8.19 32.43
C ARG B 337 -8.35 8.05 31.09
N THR B 338 -7.57 9.08 30.75
CA THR B 338 -6.84 9.16 29.48
C THR B 338 -5.34 9.33 29.73
N SER B 339 -4.54 8.82 28.81
CA SER B 339 -3.15 9.22 28.68
C SER B 339 -2.86 9.38 27.18
N GLY B 340 -1.59 9.56 26.82
CA GLY B 340 -1.23 9.81 25.43
C GLY B 340 0.15 9.28 25.07
N SER B 341 0.98 10.15 24.50
CA SER B 341 2.26 9.72 23.97
C SER B 341 3.16 10.93 23.75
N THR B 342 4.39 10.82 24.26
CA THR B 342 5.42 11.86 24.08
C THR B 342 6.26 11.53 22.85
N THR B 343 5.60 11.45 21.70
CA THR B 343 6.22 10.84 20.51
C THR B 343 5.26 10.91 19.31
N LEU B 344 4.11 10.23 19.45
CA LEU B 344 3.15 10.06 18.36
C LEU B 344 1.76 10.59 18.79
N PRO B 345 0.86 10.80 17.82
CA PRO B 345 -0.48 11.30 18.12
C PRO B 345 -1.43 10.16 18.48
N PHE B 346 -1.31 9.69 19.73
CA PHE B 346 -2.04 8.51 20.15
C PHE B 346 -2.54 8.58 21.59
N ASP B 347 -3.79 9.00 21.73
CA ASP B 347 -4.52 8.92 23.00
C ASP B 347 -5.06 7.53 23.23
N PHE B 348 -4.81 7.00 24.43
CA PHE B 348 -5.43 5.75 24.86
C PHE B 348 -6.10 5.95 26.20
N SER B 349 -6.82 4.93 26.67
CA SER B 349 -7.57 5.02 27.92
C SER B 349 -7.20 3.93 28.93
N ILE B 350 -7.50 4.20 30.20
CA ILE B 350 -7.42 3.23 31.28
C ILE B 350 -8.81 3.08 31.86
N LEU B 351 -9.33 1.86 31.83
CA LEU B 351 -10.68 1.57 32.25
C LEU B 351 -10.64 0.58 33.41
N GLU B 352 -11.03 1.07 34.58
CA GLU B 352 -11.02 0.29 35.80
C GLU B 352 -12.37 -0.39 35.97
N PHE B 353 -12.35 -1.70 36.22
CA PHE B 353 -13.54 -2.52 36.41
C PHE B 353 -13.51 -3.23 37.77
N THR B 354 -14.69 -3.48 38.35
CA THR B 354 -14.85 -4.31 39.54
C THR B 354 -15.72 -5.51 39.19
N ALA B 355 -15.63 -6.59 39.97
CA ALA B 355 -16.52 -7.75 39.81
C ALA B 355 -17.96 -7.36 40.16
N VAL B 356 -18.93 -8.01 39.51
CA VAL B 356 -20.33 -7.61 39.71
C VAL B 356 -20.95 -8.18 41.01
N SER B 357 -20.69 -9.45 41.31
CA SER B 357 -21.30 -10.13 42.47
C SER B 357 -20.26 -10.55 43.53
#